data_7LO7
#
_entry.id   7LO7
#
_cell.length_a   1.00
_cell.length_b   1.00
_cell.length_c   1.00
_cell.angle_alpha   90.00
_cell.angle_beta   90.00
_cell.angle_gamma   90.00
#
_symmetry.space_group_name_H-M   'P 1'
#
loop_
_entity.id
_entity.type
_entity.pdbx_description
1 polymer 'Quinolone resistance protein NorA'
2 polymer 'Fab25 Heavy Chain'
3 polymer 'Fab25 Light Chain'
#
loop_
_entity_poly.entity_id
_entity_poly.type
_entity_poly.pdbx_seq_one_letter_code
_entity_poly.pdbx_strand_id
1 'polypeptide(L)'
;MNKQIFVLYFNIFLIFLGIGLVIPVLPVYLKDLGLTGSDLGLLVAAFALSQMIISPFGGTLADKLGKKLIICIGLILFSV
SEFMFAVGHNFSVLMLSRVIGGMSAGMVMPGVTGLIADISPSHQKAKNFGYMSAIINSGFILGPGIGGFMAEVSHRMPFY
FAGALGILAFIMSIVLIHDPKKSTTSGFQKLEPQLLTKINWKVFITPVILTLVLSFGLSAFETLYSLYTADKVNYSPKDI
SIAITGGGIFGALFQIYFFDKFMKYFSELTFIAWSLLYSVVVLILLVFANDYWSIMLISFVVFIGFDMIRPAITNYFSNI
AGERQGFAGGLNSTFTSMGNFIGPLIAGALFDVHIEAPIYMAIGVSLAGVVIVLIEKQHRAKLKEQNM
;
Z
2 'polypeptide(L)'
;MKKNIAFLLASMFVFSIATNAYAEISEVQLVESGGGLVQPGGSLRLSCAASGFTFSSSSIHWVRQAPGKGLEWVASISSS
SGSTSYADSVKGRFTISADTSKNTAYLQMNSLRAEDTAVYYCARWETGYYPYWRMYGFYWALDYWGQGTLVTVFNQIKGP
SVFPLAPSSKSTSGGTAALGCLVKDYFPEPVTVSWNSGALTSGVHTFPAVLQSSGLYSLSSVVTVPSSSLGTQTYICNVN
HKPSNTKVDKKVEPKSCDKTHT
;
H
3 'polypeptide(L)'
;MKKNIAFLLASMFVFSIATNAYASDIQMTQSPSSLSASVGDRVTITCRASQSVSSAVAWYQQKPGKAPKLLIYSASSLYS
GVPSRFSGSRSGTDFTLTISSLQPEDFATYYCQQSSSSLITFGQGTKVEIKRTVAAPSVFIFPPSDSQLKSGTASVVCLL
NNFYPREAKVQWKVDNALQSGNSQESVTEQDSKDSTYSLSSTLTLSKADYEKHKVYACEVTHQGLSSPVTKSFNRGEC
;
L
#
# COMPACT_ATOMS: atom_id res chain seq x y z
N ASN A 2 -12.59 45.32 -24.35
CA ASN A 2 -13.24 44.92 -23.11
C ASN A 2 -13.79 43.50 -23.22
N LYS A 3 -14.28 43.13 -24.40
CA LYS A 3 -14.84 41.81 -24.62
C LYS A 3 -13.84 40.84 -25.26
N GLN A 4 -12.94 41.34 -26.10
CA GLN A 4 -11.85 40.50 -26.60
C GLN A 4 -11.06 39.89 -25.46
N ILE A 5 -10.71 40.69 -24.46
CA ILE A 5 -9.91 40.21 -23.35
C ILE A 5 -10.69 39.21 -22.50
N PHE A 6 -11.98 39.44 -22.33
CA PHE A 6 -12.80 38.50 -21.55
C PHE A 6 -12.93 37.17 -22.28
N VAL A 7 -13.05 37.21 -23.61
CA VAL A 7 -13.00 35.96 -24.37
C VAL A 7 -11.66 35.30 -24.20
N LEU A 8 -10.60 36.10 -24.21
CA LEU A 8 -9.24 35.58 -24.20
C LEU A 8 -8.89 34.86 -22.91
N TYR A 9 -9.41 35.33 -21.76
CA TYR A 9 -9.07 34.67 -20.51
C TYR A 9 -9.56 33.23 -20.47
N PHE A 10 -10.66 32.94 -21.17
CA PHE A 10 -11.26 31.63 -21.07
C PHE A 10 -10.36 30.57 -21.67
N ASN A 11 -9.52 30.93 -22.64
CA ASN A 11 -8.56 29.98 -23.19
C ASN A 11 -7.58 29.51 -22.11
N ILE A 12 -7.04 30.46 -21.36
CA ILE A 12 -6.05 30.14 -20.33
C ILE A 12 -6.70 29.39 -19.17
N PHE A 13 -7.91 29.84 -18.81
CA PHE A 13 -8.70 29.12 -17.82
C PHE A 13 -8.88 27.67 -18.24
N LEU A 14 -9.20 27.43 -19.51
CA LEU A 14 -9.40 26.06 -19.95
C LEU A 14 -8.10 25.27 -19.94
N ILE A 15 -6.98 25.88 -20.32
CA ILE A 15 -5.73 25.13 -20.34
C ILE A 15 -5.38 24.63 -18.94
N PHE A 16 -5.45 25.52 -17.95
CA PHE A 16 -5.02 25.05 -16.64
C PHE A 16 -6.11 24.29 -15.90
N LEU A 17 -7.38 24.52 -16.20
CA LEU A 17 -8.41 23.62 -15.71
C LEU A 17 -8.27 22.24 -16.33
N GLY A 18 -7.74 22.17 -17.56
CA GLY A 18 -7.50 20.86 -18.16
C GLY A 18 -6.30 20.15 -17.58
N ILE A 19 -5.31 20.90 -17.12
CA ILE A 19 -4.27 20.27 -16.29
C ILE A 19 -4.87 19.80 -14.96
N GLY A 20 -5.79 20.57 -14.40
CA GLY A 20 -6.29 20.22 -13.08
C GLY A 20 -7.38 19.18 -13.06
N LEU A 21 -7.99 18.87 -14.20
CA LEU A 21 -9.10 17.93 -14.24
C LEU A 21 -8.69 16.46 -14.30
N VAL A 22 -7.40 16.17 -14.49
CA VAL A 22 -6.99 14.79 -14.68
C VAL A 22 -6.72 14.11 -13.34
N ILE A 23 -6.51 14.88 -12.27
CA ILE A 23 -6.18 14.29 -10.97
C ILE A 23 -7.28 13.39 -10.41
N PRO A 24 -8.54 13.80 -10.33
CA PRO A 24 -9.54 12.91 -9.72
C PRO A 24 -10.11 11.84 -10.64
N VAL A 25 -9.47 11.52 -11.76
CA VAL A 25 -9.96 10.47 -12.64
C VAL A 25 -8.86 9.45 -12.90
N LEU A 26 -7.60 9.89 -12.81
CA LEU A 26 -6.49 8.97 -13.05
C LEU A 26 -6.47 7.70 -12.22
N PRO A 27 -6.75 7.68 -10.90
CA PRO A 27 -6.71 6.39 -10.19
C PRO A 27 -7.74 5.40 -10.69
N VAL A 28 -8.79 5.85 -11.37
CA VAL A 28 -9.79 4.94 -11.90
C VAL A 28 -9.18 4.00 -12.92
N TYR A 29 -8.38 4.53 -13.85
CA TYR A 29 -7.70 3.63 -14.78
C TYR A 29 -6.19 3.65 -14.65
N LEU A 30 -5.66 3.94 -13.47
CA LEU A 30 -4.29 3.50 -13.23
C LEU A 30 -4.27 2.00 -12.99
N LYS A 31 -5.35 1.45 -12.44
CA LYS A 31 -5.45 0.02 -12.21
C LYS A 31 -5.97 -0.73 -13.44
N ASP A 32 -6.50 -0.03 -14.44
CA ASP A 32 -7.01 -0.66 -15.64
C ASP A 32 -5.96 -0.79 -16.73
N LEU A 33 -4.78 -0.21 -16.57
CA LEU A 33 -3.74 -0.26 -17.58
C LEU A 33 -2.40 -0.74 -17.06
N GLY A 34 -2.26 -0.99 -15.77
CA GLY A 34 -0.94 -1.27 -15.23
C GLY A 34 -0.32 0.01 -14.71
N LEU A 35 0.50 0.65 -15.54
CA LEU A 35 1.02 1.99 -15.29
C LEU A 35 1.84 2.02 -13.98
N THR A 36 3.01 1.39 -14.08
CA THR A 36 3.97 1.36 -12.99
C THR A 36 4.53 2.75 -12.72
N GLY A 37 5.48 2.82 -11.78
CA GLY A 37 6.00 4.11 -11.36
C GLY A 37 6.75 4.84 -12.46
N SER A 38 7.64 4.14 -13.16
CA SER A 38 8.41 4.78 -14.21
C SER A 38 7.50 5.23 -15.34
N ASP A 39 6.46 4.46 -15.62
CA ASP A 39 5.51 4.84 -16.66
C ASP A 39 4.78 6.12 -16.29
N LEU A 40 4.38 6.26 -15.02
CA LEU A 40 3.70 7.49 -14.61
C LEU A 40 4.62 8.69 -14.61
N GLY A 41 5.89 8.49 -14.22
CA GLY A 41 6.85 9.57 -14.34
C GLY A 41 7.07 10.00 -15.77
N LEU A 42 7.09 9.03 -16.69
CA LEU A 42 7.19 9.35 -18.11
C LEU A 42 5.95 10.08 -18.60
N LEU A 43 4.77 9.70 -18.09
CA LEU A 43 3.54 10.39 -18.45
C LEU A 43 3.58 11.84 -17.99
N VAL A 44 4.16 12.09 -16.81
CA VAL A 44 4.35 13.46 -16.35
C VAL A 44 5.29 14.21 -17.28
N ALA A 45 6.45 13.60 -17.57
CA ALA A 45 7.46 14.27 -18.37
C ALA A 45 7.02 14.49 -19.80
N ALA A 46 6.01 13.77 -20.27
CA ALA A 46 5.47 14.02 -21.61
C ALA A 46 5.04 15.47 -21.75
N PHE A 47 4.25 15.96 -20.80
CA PHE A 47 3.79 17.34 -20.87
C PHE A 47 4.95 18.30 -20.73
N ALA A 48 5.95 17.94 -19.92
CA ALA A 48 7.09 18.81 -19.70
C ALA A 48 7.91 18.99 -20.97
N LEU A 49 8.44 17.89 -21.52
CA LEU A 49 9.25 18.03 -22.73
C LEU A 49 8.43 18.30 -23.99
N SER A 50 7.11 18.25 -23.94
CA SER A 50 6.33 18.72 -25.08
C SER A 50 5.91 20.17 -24.94
N GLN A 51 6.02 20.75 -23.75
CA GLN A 51 5.89 22.18 -23.57
C GLN A 51 7.22 22.90 -23.72
N MET A 52 8.33 22.22 -23.46
CA MET A 52 9.65 22.86 -23.42
C MET A 52 10.06 23.47 -24.75
N ILE A 53 10.33 22.64 -25.75
CA ILE A 53 10.91 23.15 -26.99
C ILE A 53 9.85 23.78 -27.87
N ILE A 54 8.61 23.33 -27.76
CA ILE A 54 7.56 23.76 -28.67
C ILE A 54 7.09 25.17 -28.34
N SER A 55 7.28 25.62 -27.10
CA SER A 55 6.82 26.95 -26.71
C SER A 55 7.55 28.10 -27.40
N PRO A 56 8.88 28.14 -27.46
CA PRO A 56 9.52 29.23 -28.23
C PRO A 56 9.11 29.26 -29.68
N PHE A 57 8.79 28.10 -30.25
CA PHE A 57 8.31 28.05 -31.63
C PHE A 57 7.06 28.88 -31.80
N GLY A 58 6.21 28.94 -30.77
CA GLY A 58 5.06 29.83 -30.83
C GLY A 58 5.49 31.26 -31.05
N GLY A 59 6.47 31.72 -30.28
CA GLY A 59 7.03 33.04 -30.53
C GLY A 59 7.78 33.14 -31.82
N THR A 60 8.22 32.02 -32.37
CA THR A 60 8.78 32.03 -33.71
C THR A 60 7.70 32.30 -34.74
N LEU A 61 6.50 31.76 -34.52
CA LEU A 61 5.43 31.88 -35.50
C LEU A 61 4.49 33.04 -35.20
N ALA A 62 4.53 33.59 -33.98
CA ALA A 62 3.50 34.53 -33.54
C ALA A 62 3.47 35.81 -34.36
N ASP A 63 4.50 36.08 -35.14
CA ASP A 63 4.46 37.21 -36.06
C ASP A 63 4.85 36.76 -37.47
N LYS A 68 -3.87 35.60 -33.06
CA LYS A 68 -4.97 35.26 -33.96
C LYS A 68 -4.99 33.80 -34.34
N LEU A 69 -4.08 33.40 -35.23
CA LEU A 69 -4.12 32.05 -35.78
C LEU A 69 -3.59 31.02 -34.79
N ILE A 70 -2.55 31.35 -34.04
CA ILE A 70 -1.93 30.37 -33.14
C ILE A 70 -2.92 29.94 -32.07
N ILE A 71 -3.71 30.87 -31.54
CA ILE A 71 -4.63 30.53 -30.46
C ILE A 71 -5.66 29.51 -30.93
N CYS A 72 -6.23 29.71 -32.12
CA CYS A 72 -7.30 28.83 -32.59
C CYS A 72 -6.79 27.44 -32.97
N ILE A 73 -5.66 27.37 -33.69
CA ILE A 73 -5.10 26.06 -34.02
C ILE A 73 -4.66 25.35 -32.76
N GLY A 74 -4.07 26.08 -31.81
CA GLY A 74 -3.67 25.47 -30.57
C GLY A 74 -4.85 24.98 -29.76
N LEU A 75 -5.98 25.66 -29.85
CA LEU A 75 -7.13 25.24 -29.07
C LEU A 75 -7.82 24.04 -29.69
N ILE A 76 -7.87 23.97 -31.03
CA ILE A 76 -8.30 22.73 -31.69
C ILE A 76 -7.35 21.60 -31.31
N LEU A 77 -6.06 21.90 -31.24
CA LEU A 77 -5.08 20.90 -30.83
C LEU A 77 -5.35 20.43 -29.40
N PHE A 78 -5.70 21.36 -28.50
CA PHE A 78 -6.02 20.98 -27.13
C PHE A 78 -7.24 20.07 -27.09
N SER A 79 -8.30 20.44 -27.81
CA SER A 79 -9.52 19.64 -27.77
C SER A 79 -9.29 18.25 -28.34
N VAL A 80 -8.57 18.16 -29.46
CA VAL A 80 -8.25 16.86 -30.05
C VAL A 80 -7.35 16.05 -29.13
N SER A 81 -6.34 16.70 -28.55
CA SER A 81 -5.42 16.06 -27.62
C SER A 81 -6.18 15.45 -26.45
N GLU A 82 -7.13 16.20 -25.94
CA GLU A 82 -7.74 15.82 -24.69
C GLU A 82 -8.82 14.77 -24.95
N PHE A 83 -9.48 14.85 -26.12
CA PHE A 83 -10.35 13.76 -26.55
C PHE A 83 -9.57 12.46 -26.70
N MET A 84 -8.41 12.52 -27.34
CA MET A 84 -7.66 11.31 -27.58
C MET A 84 -7.05 10.76 -26.29
N PHE A 85 -6.81 11.64 -25.31
CA PHE A 85 -6.53 11.18 -23.96
C PHE A 85 -7.73 10.42 -23.42
N ALA A 86 -8.93 10.95 -23.63
CA ALA A 86 -10.12 10.33 -23.09
C ALA A 86 -10.44 8.99 -23.73
N VAL A 87 -9.98 8.76 -24.96
CA VAL A 87 -10.25 7.48 -25.62
C VAL A 87 -9.59 6.33 -24.86
N GLY A 88 -8.31 6.51 -24.52
CA GLY A 88 -7.63 5.64 -23.56
C GLY A 88 -7.45 4.18 -23.94
N HIS A 89 -6.92 3.90 -25.13
CA HIS A 89 -6.60 2.52 -25.48
C HIS A 89 -5.55 1.94 -24.53
N ASN A 90 -4.33 2.48 -24.60
CA ASN A 90 -3.21 1.99 -23.79
C ASN A 90 -2.16 3.09 -23.74
N PHE A 91 -1.00 2.76 -23.17
CA PHE A 91 0.04 3.77 -22.94
C PHE A 91 0.52 4.41 -24.23
N SER A 92 0.53 3.66 -25.32
CA SER A 92 0.94 4.23 -26.60
C SER A 92 0.02 5.36 -27.06
N VAL A 93 -1.21 5.39 -26.57
CA VAL A 93 -2.14 6.47 -26.89
C VAL A 93 -2.02 7.62 -25.91
N LEU A 94 -2.00 7.31 -24.61
CA LEU A 94 -1.94 8.37 -23.59
C LEU A 94 -0.65 9.16 -23.66
N MET A 95 0.47 8.48 -23.96
CA MET A 95 1.76 9.17 -24.03
C MET A 95 1.76 10.20 -25.16
N LEU A 96 1.35 9.78 -26.36
CA LEU A 96 1.32 10.72 -27.48
C LEU A 96 0.24 11.76 -27.29
N SER A 97 -0.85 11.43 -26.58
CA SER A 97 -1.87 12.42 -26.28
C SER A 97 -1.33 13.50 -25.36
N ARG A 98 -0.59 13.14 -24.34
CA ARG A 98 0.00 14.18 -23.50
C ARG A 98 1.07 14.96 -24.25
N VAL A 99 1.76 14.33 -25.20
CA VAL A 99 2.73 15.09 -25.99
C VAL A 99 2.03 16.15 -26.86
N ILE A 100 0.96 15.76 -27.54
CA ILE A 100 0.28 16.75 -28.38
C ILE A 100 -0.46 17.77 -27.51
N GLY A 101 -0.91 17.37 -26.32
CA GLY A 101 -1.48 18.34 -25.39
C GLY A 101 -0.47 19.33 -24.88
N GLY A 102 0.76 18.87 -24.66
CA GLY A 102 1.84 19.79 -24.33
C GLY A 102 2.14 20.74 -25.47
N MET A 103 2.10 20.24 -26.71
CA MET A 103 2.18 21.10 -27.88
C MET A 103 1.14 22.21 -27.82
N SER A 104 -0.11 21.84 -27.59
CA SER A 104 -1.18 22.83 -27.60
C SER A 104 -1.04 23.83 -26.46
N ALA A 105 -0.80 23.35 -25.24
CA ALA A 105 -0.71 24.25 -24.10
C ALA A 105 0.57 25.05 -24.08
N GLY A 106 1.57 24.65 -24.85
CA GLY A 106 2.74 25.45 -25.02
C GLY A 106 2.73 26.30 -26.26
N MET A 107 1.69 26.19 -27.06
CA MET A 107 1.48 27.13 -28.15
C MET A 107 0.44 28.21 -27.83
N VAL A 108 -0.62 27.87 -27.09
CA VAL A 108 -1.62 28.88 -26.75
C VAL A 108 -1.07 29.85 -25.70
N MET A 109 -0.34 29.34 -24.71
CA MET A 109 0.20 30.20 -23.65
C MET A 109 1.09 31.31 -24.17
N PRO A 110 2.03 31.08 -25.09
CA PRO A 110 2.70 32.22 -25.72
C PRO A 110 1.75 33.08 -26.52
N GLY A 111 0.76 32.48 -27.18
CA GLY A 111 -0.17 33.27 -27.97
C GLY A 111 -0.98 34.24 -27.14
N VAL A 112 -1.55 33.74 -26.03
CA VAL A 112 -2.30 34.63 -25.15
C VAL A 112 -1.37 35.61 -24.46
N THR A 113 -0.27 35.12 -23.89
CA THR A 113 0.62 35.97 -23.12
C THR A 113 1.23 37.07 -23.98
N GLY A 114 1.36 36.83 -25.28
CA GLY A 114 1.77 37.87 -26.19
C GLY A 114 0.65 38.79 -26.59
N LEU A 115 -0.50 38.24 -26.97
CA LEU A 115 -1.49 39.09 -27.62
C LEU A 115 -2.21 39.99 -26.62
N ILE A 116 -2.23 39.62 -25.34
CA ILE A 116 -2.72 40.54 -24.30
C ILE A 116 -1.82 41.76 -24.22
N ALA A 117 -0.52 41.57 -24.41
CA ALA A 117 0.46 42.63 -24.25
C ALA A 117 0.41 43.69 -25.33
N ASP A 118 -0.37 43.50 -26.38
CA ASP A 118 -0.50 44.52 -27.42
C ASP A 118 -1.91 45.06 -27.60
N ILE A 119 -2.95 44.25 -27.38
CA ILE A 119 -4.31 44.80 -27.48
C ILE A 119 -4.59 45.74 -26.31
N SER A 120 -4.10 45.40 -25.12
CA SER A 120 -4.42 46.17 -23.94
C SER A 120 -3.76 47.54 -24.00
N PRO A 121 -4.40 48.57 -23.46
CA PRO A 121 -3.82 49.92 -23.50
C PRO A 121 -2.58 50.02 -22.63
N SER A 122 -1.99 51.21 -22.55
CA SER A 122 -0.72 51.38 -21.83
C SER A 122 -0.85 51.18 -20.33
N HIS A 123 -2.04 50.85 -19.81
CA HIS A 123 -2.20 50.41 -18.43
C HIS A 123 -2.16 48.88 -18.31
N GLN A 124 -1.38 48.21 -19.16
CA GLN A 124 -1.48 46.78 -19.40
C GLN A 124 -1.33 45.92 -18.16
N LYS A 125 -1.03 46.51 -17.01
CA LYS A 125 -0.77 45.71 -15.83
C LYS A 125 -2.03 45.22 -15.17
N ALA A 126 -2.90 46.14 -14.73
CA ALA A 126 -3.84 45.87 -13.66
C ALA A 126 -4.80 44.76 -13.98
N LYS A 127 -5.81 45.09 -14.78
CA LYS A 127 -6.85 44.13 -15.10
C LYS A 127 -6.26 42.98 -15.91
N ASN A 128 -5.53 43.32 -16.97
CA ASN A 128 -5.00 42.36 -17.92
C ASN A 128 -4.15 41.31 -17.25
N PHE A 129 -3.00 41.70 -16.69
CA PHE A 129 -2.08 40.69 -16.20
C PHE A 129 -2.46 40.20 -14.80
N GLY A 130 -3.08 41.04 -13.96
CA GLY A 130 -3.58 40.53 -12.71
C GLY A 130 -4.58 39.42 -12.90
N TYR A 131 -5.56 39.61 -13.79
CA TYR A 131 -6.52 38.54 -13.94
C TYR A 131 -5.93 37.39 -14.74
N MET A 132 -4.95 37.64 -15.62
CA MET A 132 -4.38 36.51 -16.35
C MET A 132 -3.58 35.61 -15.42
N SER A 133 -3.00 36.15 -14.35
CA SER A 133 -2.34 35.32 -13.35
C SER A 133 -3.19 35.07 -12.11
N ALA A 134 -4.44 35.50 -12.10
CA ALA A 134 -5.38 35.05 -11.08
C ALA A 134 -6.32 33.98 -11.60
N ILE A 135 -6.69 34.05 -12.87
CA ILE A 135 -7.48 33.01 -13.51
C ILE A 135 -6.68 31.73 -13.63
N ILE A 136 -5.36 31.83 -13.76
CA ILE A 136 -4.51 30.64 -13.73
C ILE A 136 -4.71 29.88 -12.43
N ASN A 137 -4.61 30.59 -11.31
CA ASN A 137 -4.82 29.95 -10.01
C ASN A 137 -6.26 29.53 -9.82
N SER A 138 -7.21 30.28 -10.38
CA SER A 138 -8.60 29.87 -10.29
C SER A 138 -8.85 28.57 -11.02
N GLY A 139 -8.19 28.39 -12.17
CA GLY A 139 -8.30 27.12 -12.86
C GLY A 139 -7.65 25.99 -12.10
N PHE A 140 -6.49 26.26 -11.50
CA PHE A 140 -5.85 25.21 -10.70
C PHE A 140 -6.72 24.80 -9.53
N ILE A 141 -7.39 25.76 -8.89
CA ILE A 141 -8.30 25.46 -7.78
C ILE A 141 -9.52 24.69 -8.26
N LEU A 142 -10.16 25.16 -9.33
CA LEU A 142 -11.43 24.59 -9.75
C LEU A 142 -11.28 23.35 -10.62
N GLY A 143 -10.05 22.92 -10.91
CA GLY A 143 -9.86 21.67 -11.59
C GLY A 143 -10.45 20.50 -10.82
N PRO A 144 -9.83 20.14 -9.70
CA PRO A 144 -10.38 19.05 -8.88
C PRO A 144 -11.77 19.35 -8.34
N GLY A 145 -12.09 20.62 -8.05
CA GLY A 145 -13.40 20.93 -7.52
C GLY A 145 -14.52 20.59 -8.50
N ILE A 146 -14.33 20.94 -9.78
CA ILE A 146 -15.29 20.54 -10.80
C ILE A 146 -15.22 19.04 -11.05
N GLY A 147 -14.01 18.49 -11.08
CA GLY A 147 -13.84 17.07 -11.37
C GLY A 147 -14.41 16.15 -10.33
N GLY A 148 -14.67 16.65 -9.12
CA GLY A 148 -15.22 15.80 -8.08
C GLY A 148 -16.62 15.32 -8.39
N PHE A 149 -17.49 16.21 -8.87
CA PHE A 149 -18.86 15.84 -9.15
C PHE A 149 -18.97 14.99 -10.41
N MET A 150 -18.21 15.33 -11.45
CA MET A 150 -18.35 14.67 -12.73
C MET A 150 -17.73 13.27 -12.76
N ALA A 151 -16.68 13.03 -11.98
CA ALA A 151 -16.03 11.73 -11.98
C ALA A 151 -16.90 10.64 -11.38
N GLU A 152 -17.90 11.01 -10.57
CA GLU A 152 -18.79 10.01 -9.99
C GLU A 152 -19.61 9.30 -11.05
N VAL A 153 -20.06 10.05 -12.06
CA VAL A 153 -20.89 9.51 -13.13
C VAL A 153 -20.05 9.40 -14.39
N SER A 154 -19.82 8.15 -14.84
CA SER A 154 -19.19 7.85 -16.13
C SER A 154 -17.82 8.53 -16.25
N HIS A 155 -16.86 7.98 -15.47
CA HIS A 155 -15.58 8.62 -15.19
C HIS A 155 -14.86 9.19 -16.41
N ARG A 156 -15.20 8.74 -17.61
CA ARG A 156 -14.69 9.38 -18.81
C ARG A 156 -15.30 10.76 -19.02
N MET A 157 -16.47 11.03 -18.43
CA MET A 157 -17.18 12.28 -18.71
C MET A 157 -16.40 13.54 -18.38
N PRO A 158 -15.69 13.66 -17.23
CA PRO A 158 -14.94 14.91 -16.98
C PRO A 158 -14.01 15.28 -18.11
N PHE A 159 -13.33 14.29 -18.66
CA PHE A 159 -12.27 14.53 -19.62
C PHE A 159 -12.85 15.24 -20.83
N TYR A 160 -13.73 14.57 -21.58
CA TYR A 160 -14.30 15.25 -22.73
C TYR A 160 -15.19 16.43 -22.35
N PHE A 161 -15.56 16.57 -21.07
CA PHE A 161 -16.17 17.82 -20.61
C PHE A 161 -15.22 18.97 -20.93
N ALA A 162 -13.99 18.90 -20.39
CA ALA A 162 -12.95 19.84 -20.80
C ALA A 162 -12.65 19.72 -22.27
N GLY A 163 -12.93 18.57 -22.88
CA GLY A 163 -12.88 18.50 -24.33
C GLY A 163 -13.95 19.36 -24.97
N ALA A 164 -15.20 19.19 -24.55
CA ALA A 164 -16.32 19.88 -25.20
C ALA A 164 -16.18 21.39 -25.08
N LEU A 165 -15.87 21.86 -23.87
CA LEU A 165 -15.63 23.28 -23.64
C LEU A 165 -14.58 23.83 -24.59
N GLY A 166 -13.57 23.01 -24.88
CA GLY A 166 -12.53 23.46 -25.79
C GLY A 166 -13.07 23.88 -27.14
N ILE A 167 -14.00 23.11 -27.68
CA ILE A 167 -14.60 23.48 -28.96
C ILE A 167 -15.36 24.79 -28.83
N LEU A 168 -16.09 24.96 -27.72
CA LEU A 168 -16.71 26.24 -27.43
C LEU A 168 -15.67 27.34 -27.41
N ALA A 169 -14.54 27.09 -26.75
CA ALA A 169 -13.50 28.10 -26.66
C ALA A 169 -12.88 28.43 -28.00
N PHE A 170 -13.15 27.63 -29.03
CA PHE A 170 -12.78 28.06 -30.38
C PHE A 170 -13.69 29.19 -30.86
N ILE A 171 -15.01 28.97 -30.85
CA ILE A 171 -15.89 29.87 -31.60
C ILE A 171 -15.85 31.27 -31.00
N MET A 172 -15.89 31.37 -29.67
CA MET A 172 -15.76 32.67 -29.02
C MET A 172 -14.43 33.33 -29.39
N SER A 173 -13.38 32.54 -29.56
CA SER A 173 -12.07 33.07 -29.90
C SER A 173 -11.86 33.22 -31.40
N ILE A 174 -12.90 33.12 -32.20
CA ILE A 174 -12.76 33.37 -33.63
C ILE A 174 -13.78 34.37 -34.17
N VAL A 175 -14.93 34.55 -33.52
CA VAL A 175 -15.91 35.52 -33.99
C VAL A 175 -16.18 36.64 -33.00
N LEU A 176 -15.86 36.48 -31.72
CA LEU A 176 -16.01 37.56 -30.76
C LEU A 176 -14.74 38.38 -30.60
N ILE A 177 -13.66 38.02 -31.29
CA ILE A 177 -12.40 38.74 -31.22
C ILE A 177 -11.96 39.09 -32.64
N HIS A 178 -11.14 40.13 -32.73
CA HIS A 178 -10.63 40.59 -34.02
C HIS A 178 -9.12 40.81 -33.93
N ASP A 179 -8.49 41.03 -35.09
CA ASP A 179 -7.04 41.03 -35.15
C ASP A 179 -6.43 42.29 -34.53
N PRO A 180 -6.70 43.52 -35.03
CA PRO A 180 -5.89 44.61 -34.49
C PRO A 180 -6.44 45.18 -33.20
N ILE A 199 15.88 39.50 -31.91
CA ILE A 199 17.24 39.99 -31.73
C ILE A 199 17.50 40.27 -30.26
N ASN A 200 18.72 40.71 -29.96
CA ASN A 200 19.15 41.09 -28.60
C ASN A 200 18.98 39.93 -27.62
N TRP A 201 19.74 38.87 -27.87
CA TRP A 201 19.74 37.73 -26.96
C TRP A 201 20.40 38.08 -25.64
N LYS A 202 21.28 39.08 -25.63
CA LYS A 202 21.96 39.45 -24.38
C LYS A 202 21.00 40.06 -23.37
N VAL A 203 20.07 40.89 -23.82
CA VAL A 203 19.15 41.55 -22.90
C VAL A 203 18.14 40.58 -22.31
N PHE A 204 17.89 39.44 -22.99
CA PHE A 204 17.01 38.43 -22.44
C PHE A 204 17.60 37.74 -21.22
N ILE A 205 18.91 37.83 -21.00
CA ILE A 205 19.57 36.96 -20.04
C ILE A 205 19.07 37.20 -18.62
N THR A 206 18.79 38.45 -18.26
CA THR A 206 18.47 38.75 -16.86
C THR A 206 17.24 38.02 -16.34
N PRO A 207 16.07 37.98 -17.02
CA PRO A 207 14.94 37.23 -16.45
C PRO A 207 14.86 35.75 -16.84
N VAL A 208 15.38 35.37 -17.99
CA VAL A 208 15.16 34.00 -18.49
C VAL A 208 15.82 32.98 -17.58
N ILE A 209 17.05 33.22 -17.15
CA ILE A 209 17.60 32.40 -16.07
C ILE A 209 16.88 32.67 -14.76
N LEU A 210 16.50 33.93 -14.50
CA LEU A 210 15.89 34.28 -13.23
C LEU A 210 14.63 33.48 -12.99
N THR A 211 13.72 33.45 -13.96
CA THR A 211 12.48 32.71 -13.81
C THR A 211 12.68 31.22 -13.65
N LEU A 212 13.87 30.70 -14.01
CA LEU A 212 14.14 29.30 -13.76
C LEU A 212 14.42 29.07 -12.29
N VAL A 213 15.19 29.97 -11.66
CA VAL A 213 15.74 29.70 -10.34
C VAL A 213 14.63 29.54 -9.31
N LEU A 214 13.69 30.49 -9.28
CA LEU A 214 12.53 30.33 -8.40
C LEU A 214 11.73 29.10 -8.79
N SER A 215 11.55 28.85 -10.09
CA SER A 215 10.82 27.67 -10.49
C SER A 215 11.58 26.40 -10.11
N PHE A 216 12.88 26.51 -9.83
CA PHE A 216 13.62 25.40 -9.25
C PHE A 216 13.10 25.08 -7.86
N GLY A 217 12.84 26.10 -7.05
CA GLY A 217 12.48 25.87 -5.66
C GLY A 217 11.04 26.14 -5.30
N LEU A 218 10.45 27.21 -5.86
CA LEU A 218 9.03 27.48 -5.61
C LEU A 218 8.18 26.27 -5.96
N SER A 219 8.40 25.71 -7.14
CA SER A 219 7.75 24.44 -7.48
C SER A 219 8.11 23.38 -6.46
N ALA A 220 9.41 23.24 -6.17
CA ALA A 220 9.86 22.30 -5.15
C ALA A 220 9.27 22.62 -3.78
N PHE A 221 8.82 23.84 -3.57
CA PHE A 221 8.02 24.11 -2.38
C PHE A 221 6.62 23.57 -2.56
N GLU A 222 5.88 24.06 -3.57
CA GLU A 222 4.44 23.81 -3.63
C GLU A 222 4.15 22.34 -3.72
N THR A 223 4.87 21.63 -4.60
CA THR A 223 4.68 20.21 -4.79
C THR A 223 4.76 19.43 -3.48
N LEU A 224 5.62 19.86 -2.56
CA LEU A 224 5.82 19.14 -1.32
C LEU A 224 5.07 19.73 -0.13
N TYR A 225 4.25 20.76 -0.33
CA TYR A 225 3.52 21.32 0.80
C TYR A 225 2.54 20.33 1.38
N SER A 226 2.04 19.39 0.57
CA SER A 226 1.15 18.37 1.09
C SER A 226 1.88 17.22 1.75
N LEU A 227 3.22 17.23 1.73
CA LEU A 227 3.99 16.24 2.46
C LEU A 227 4.82 16.84 3.59
N TYR A 228 5.10 18.14 3.55
CA TYR A 228 5.79 18.75 4.67
C TYR A 228 4.87 18.93 5.85
N THR A 229 3.64 19.38 5.60
CA THR A 229 2.65 19.52 6.66
C THR A 229 1.70 18.35 6.74
N ALA A 230 2.20 17.14 6.48
CA ALA A 230 1.58 15.93 6.98
C ALA A 230 2.55 15.13 7.84
N ASP A 231 3.82 15.51 7.86
CA ASP A 231 4.80 14.95 8.79
C ASP A 231 5.05 15.85 9.99
N LYS A 232 4.89 17.15 9.84
CA LYS A 232 4.63 18.02 10.98
C LYS A 232 3.14 17.92 11.30
N VAL A 233 2.61 18.91 12.03
CA VAL A 233 1.25 18.93 12.57
C VAL A 233 0.24 18.39 11.57
N ASN A 234 -0.58 17.45 12.03
CA ASN A 234 -1.28 16.57 11.11
C ASN A 234 -2.35 17.34 10.34
N TYR A 235 -2.35 17.16 9.02
CA TYR A 235 -3.30 17.78 8.11
C TYR A 235 -4.01 16.67 7.34
N SER A 236 -5.29 16.49 7.62
CA SER A 236 -6.11 15.68 6.73
C SER A 236 -6.33 16.45 5.43
N PRO A 237 -6.62 15.76 4.32
CA PRO A 237 -6.66 16.44 3.02
C PRO A 237 -7.64 17.60 2.93
N LYS A 238 -8.69 17.62 3.73
CA LYS A 238 -9.63 18.73 3.65
C LYS A 238 -9.07 19.99 4.28
N ASP A 239 -8.32 19.86 5.39
CA ASP A 239 -7.79 21.05 6.04
C ASP A 239 -6.76 21.75 5.17
N ILE A 240 -5.88 20.99 4.51
CA ILE A 240 -4.89 21.61 3.65
C ILE A 240 -5.55 22.24 2.44
N SER A 241 -6.62 21.64 1.93
CA SER A 241 -7.37 22.26 0.84
C SER A 241 -8.00 23.56 1.29
N ILE A 242 -8.50 23.62 2.52
CA ILE A 242 -9.05 24.88 3.04
C ILE A 242 -7.94 25.92 3.15
N ALA A 243 -6.78 25.51 3.66
CA ALA A 243 -5.63 26.41 3.78
C ALA A 243 -5.27 27.01 2.43
N ILE A 244 -5.19 26.17 1.40
CA ILE A 244 -4.70 26.66 0.12
C ILE A 244 -5.78 27.36 -0.69
N THR A 245 -7.05 27.01 -0.52
CA THR A 245 -8.10 27.82 -1.14
C THR A 245 -8.13 29.21 -0.53
N GLY A 246 -7.93 29.29 0.79
CA GLY A 246 -7.79 30.60 1.41
C GLY A 246 -6.58 31.35 0.90
N GLY A 247 -5.48 30.64 0.70
CA GLY A 247 -4.29 31.29 0.15
C GLY A 247 -4.54 31.82 -1.25
N GLY A 248 -5.22 31.05 -2.08
CA GLY A 248 -5.55 31.50 -3.41
C GLY A 248 -6.47 32.71 -3.40
N ILE A 249 -7.48 32.71 -2.51
CA ILE A 249 -8.42 33.82 -2.47
C ILE A 249 -7.76 35.09 -1.96
N PHE A 250 -7.01 34.99 -0.86
CA PHE A 250 -6.35 36.16 -0.30
C PHE A 250 -5.09 36.56 -1.05
N GLY A 251 -4.65 35.75 -2.02
CA GLY A 251 -3.61 36.20 -2.93
C GLY A 251 -4.21 36.85 -4.16
N ALA A 252 -5.37 36.35 -4.59
CA ALA A 252 -6.10 37.00 -5.66
C ALA A 252 -6.52 38.40 -5.26
N LEU A 253 -7.06 38.54 -4.04
CA LEU A 253 -7.50 39.85 -3.59
C LEU A 253 -6.35 40.82 -3.38
N PHE A 254 -5.10 40.34 -3.40
CA PHE A 254 -3.93 41.19 -3.42
C PHE A 254 -3.40 41.47 -4.81
N GLN A 255 -3.50 40.52 -5.75
CA GLN A 255 -3.04 40.79 -7.11
C GLN A 255 -4.14 41.35 -8.01
N ILE A 256 -5.30 41.71 -7.46
CA ILE A 256 -6.22 42.55 -8.21
C ILE A 256 -5.83 44.02 -8.11
N TYR A 257 -5.49 44.49 -6.90
CA TYR A 257 -4.99 45.85 -6.71
C TYR A 257 -3.49 45.95 -6.96
N PHE A 258 -2.96 44.96 -7.69
CA PHE A 258 -1.55 44.83 -8.00
C PHE A 258 -0.99 46.06 -8.71
N PHE A 259 -1.84 46.82 -9.39
CA PHE A 259 -1.35 47.92 -10.23
C PHE A 259 -0.78 49.07 -9.40
N ASP A 260 -1.38 49.38 -8.25
CA ASP A 260 -0.76 50.36 -7.37
C ASP A 260 0.62 49.92 -6.93
N LYS A 261 0.73 48.68 -6.47
CA LYS A 261 1.99 48.18 -5.93
C LYS A 261 3.05 48.10 -7.00
N PHE A 262 2.67 47.92 -8.26
CA PHE A 262 3.69 47.94 -9.29
C PHE A 262 3.97 49.34 -9.80
N MET A 263 2.99 50.25 -9.74
CA MET A 263 3.23 51.61 -10.17
C MET A 263 4.19 52.31 -9.22
N LYS A 264 4.10 52.01 -7.93
CA LYS A 264 5.15 52.37 -7.00
C LYS A 264 6.13 51.19 -6.92
N TYR A 265 7.02 51.18 -5.93
CA TYR A 265 8.02 50.14 -5.75
C TYR A 265 8.98 50.03 -6.92
N PHE A 266 9.18 51.13 -7.66
CA PHE A 266 10.21 51.22 -8.71
C PHE A 266 10.00 50.11 -9.75
N SER A 267 8.92 50.30 -10.51
CA SER A 267 8.13 49.25 -11.15
C SER A 267 8.88 48.01 -11.62
N GLU A 268 9.80 48.20 -12.59
CA GLU A 268 10.19 47.12 -13.49
C GLU A 268 10.73 45.90 -12.74
N LEU A 269 11.71 46.11 -11.86
CA LEU A 269 12.53 45.02 -11.34
C LEU A 269 12.65 45.00 -9.83
N THR A 270 12.51 46.14 -9.15
CA THR A 270 12.74 46.22 -7.70
C THR A 270 11.74 45.38 -6.93
N PHE A 271 10.51 45.25 -7.43
CA PHE A 271 9.44 44.60 -6.67
C PHE A 271 9.79 43.15 -6.38
N ILE A 272 10.40 42.46 -7.34
CA ILE A 272 10.70 41.04 -7.20
C ILE A 272 11.58 40.80 -5.98
N ALA A 273 12.55 41.68 -5.74
CA ALA A 273 13.44 41.53 -4.60
C ALA A 273 12.67 41.63 -3.29
N TRP A 274 11.79 42.63 -3.18
CA TRP A 274 11.04 42.79 -1.94
C TRP A 274 10.10 41.62 -1.68
N SER A 275 9.46 41.11 -2.74
CA SER A 275 8.62 39.94 -2.58
C SER A 275 9.45 38.74 -2.12
N LEU A 276 10.66 38.59 -2.65
CA LEU A 276 11.49 37.45 -2.25
C LEU A 276 11.95 37.57 -0.80
N LEU A 277 12.33 38.76 -0.36
CA LEU A 277 12.65 38.94 1.06
C LEU A 277 11.44 38.67 1.95
N TYR A 278 10.25 39.12 1.53
CA TYR A 278 9.05 38.81 2.30
C TYR A 278 8.83 37.29 2.37
N SER A 279 9.00 36.61 1.25
CA SER A 279 8.75 35.17 1.24
C SER A 279 9.73 34.43 2.13
N VAL A 280 11.02 34.80 2.09
CA VAL A 280 11.97 34.08 2.94
C VAL A 280 11.71 34.39 4.41
N VAL A 281 11.29 35.62 4.72
CA VAL A 281 10.93 35.95 6.10
C VAL A 281 9.79 35.06 6.57
N VAL A 282 8.76 34.91 5.75
CA VAL A 282 7.60 34.17 6.24
C VAL A 282 7.87 32.67 6.20
N LEU A 283 8.75 32.19 5.31
CA LEU A 283 9.20 30.80 5.40
C LEU A 283 9.95 30.55 6.69
N ILE A 284 10.86 31.46 7.06
CA ILE A 284 11.58 31.32 8.32
C ILE A 284 10.60 31.25 9.48
N LEU A 285 9.59 32.10 9.47
CA LEU A 285 8.56 32.01 10.49
C LEU A 285 7.77 30.71 10.38
N LEU A 286 7.69 30.12 9.18
CA LEU A 286 6.93 28.90 8.98
C LEU A 286 7.65 27.68 9.54
N VAL A 287 8.98 27.67 9.53
CA VAL A 287 9.72 26.50 10.01
C VAL A 287 9.46 26.24 11.48
N PHE A 288 9.12 27.28 12.24
CA PHE A 288 8.91 27.11 13.69
C PHE A 288 7.45 27.29 14.08
N ALA A 289 6.53 26.66 13.36
CA ALA A 289 5.10 26.82 13.61
C ALA A 289 4.46 25.47 13.89
N ASN A 290 4.10 25.23 15.15
CA ASN A 290 3.24 24.15 15.57
C ASN A 290 1.80 24.67 15.60
N ASP A 291 0.89 24.02 16.32
CA ASP A 291 -0.44 24.57 16.59
C ASP A 291 -1.28 24.77 15.34
N TYR A 292 -1.81 23.66 14.81
CA TYR A 292 -2.56 23.56 13.55
C TYR A 292 -3.40 24.77 13.17
N TRP A 293 -4.24 25.27 14.05
CA TRP A 293 -5.19 26.29 13.61
C TRP A 293 -4.70 27.70 13.87
N SER A 294 -3.90 27.93 14.92
CA SER A 294 -3.54 29.29 15.27
C SER A 294 -2.40 29.82 14.42
N ILE A 295 -1.23 29.20 14.51
CA ILE A 295 -0.03 29.72 13.87
C ILE A 295 0.47 28.82 12.75
N MET A 296 -0.29 27.80 12.39
CA MET A 296 0.04 26.98 11.22
C MET A 296 -0.85 27.30 10.04
N LEU A 297 -2.17 27.32 10.26
CA LEU A 297 -3.11 27.62 9.19
C LEU A 297 -2.88 29.04 8.68
N ILE A 298 -2.86 30.01 9.59
CA ILE A 298 -2.78 31.43 9.25
C ILE A 298 -1.48 31.77 8.55
N SER A 299 -0.46 30.93 8.67
CA SER A 299 0.77 31.20 7.93
C SER A 299 0.71 30.73 6.48
N PHE A 300 -0.49 30.50 5.92
CA PHE A 300 -0.63 30.31 4.48
C PHE A 300 -0.23 31.54 3.68
N VAL A 301 -0.31 32.73 4.29
CA VAL A 301 -0.13 34.00 3.60
C VAL A 301 1.24 34.10 2.92
N VAL A 302 2.15 33.16 3.23
CA VAL A 302 3.41 33.00 2.51
C VAL A 302 3.22 33.03 1.00
N PHE A 303 2.18 32.38 0.49
CA PHE A 303 2.06 32.25 -0.94
C PHE A 303 1.74 33.57 -1.63
N ILE A 304 1.28 34.57 -0.87
CA ILE A 304 1.09 35.89 -1.46
C ILE A 304 2.41 36.41 -2.01
N GLY A 305 3.49 36.22 -1.24
CA GLY A 305 4.78 36.67 -1.73
C GLY A 305 5.28 35.91 -2.93
N PHE A 306 4.67 34.78 -3.24
CA PHE A 306 5.01 34.00 -4.43
C PHE A 306 4.02 34.21 -5.56
N ASP A 307 3.01 35.07 -5.36
CA ASP A 307 2.02 35.34 -6.38
C ASP A 307 2.02 36.78 -6.86
N MET A 308 2.91 37.61 -6.35
CA MET A 308 3.24 38.89 -6.94
C MET A 308 4.40 38.81 -7.91
N ILE A 309 5.03 37.66 -8.06
CA ILE A 309 6.24 37.56 -8.86
C ILE A 309 5.95 36.97 -10.24
N ARG A 310 4.99 36.07 -10.36
CA ARG A 310 4.66 35.55 -11.69
C ARG A 310 4.13 36.64 -12.62
N PRO A 311 3.16 37.47 -12.23
CA PRO A 311 2.87 38.63 -13.08
C PRO A 311 4.05 39.56 -13.25
N ALA A 312 4.92 39.67 -12.25
CA ALA A 312 6.06 40.56 -12.37
C ALA A 312 7.00 40.11 -13.47
N ILE A 313 7.34 38.82 -13.52
CA ILE A 313 8.24 38.36 -14.58
C ILE A 313 7.52 38.32 -15.92
N THR A 314 6.21 38.03 -15.94
CA THR A 314 5.50 38.08 -17.21
C THR A 314 5.49 39.49 -17.78
N ASN A 315 5.24 40.50 -16.93
CA ASN A 315 5.28 41.89 -17.37
C ASN A 315 6.70 42.25 -17.80
N TYR A 316 7.70 41.79 -17.06
CA TYR A 316 9.10 42.07 -17.43
C TYR A 316 9.39 41.53 -18.82
N PHE A 317 8.97 40.30 -19.09
CA PHE A 317 9.14 39.73 -20.43
C PHE A 317 8.41 40.54 -21.48
N SER A 318 7.18 40.93 -21.21
CA SER A 318 6.46 41.75 -22.19
C SER A 318 7.08 43.12 -22.37
N ASN A 319 7.91 43.57 -21.42
CA ASN A 319 8.47 44.91 -21.49
C ASN A 319 9.88 44.96 -22.06
N ILE A 320 10.64 43.87 -22.05
CA ILE A 320 11.92 43.89 -22.76
C ILE A 320 11.70 44.03 -24.26
N ALA A 321 10.86 43.18 -24.83
CA ALA A 321 10.65 43.16 -26.28
C ALA A 321 9.58 44.19 -26.62
N GLY A 322 9.98 45.20 -27.40
CA GLY A 322 9.01 46.23 -27.80
C GLY A 322 7.89 45.67 -28.65
N GLU A 323 8.24 44.96 -29.72
CA GLU A 323 7.30 44.14 -30.48
C GLU A 323 7.57 42.67 -30.19
N ARG A 324 6.84 41.81 -30.90
CA ARG A 324 7.05 40.36 -30.92
C ARG A 324 7.00 39.76 -29.50
N GLN A 325 5.97 40.17 -28.74
CA GLN A 325 5.79 39.69 -27.37
C GLN A 325 5.56 38.19 -27.29
N GLY A 326 5.18 37.56 -28.39
CA GLY A 326 5.00 36.12 -28.39
C GLY A 326 6.27 35.37 -28.03
N PHE A 327 7.41 35.84 -28.55
CA PHE A 327 8.67 35.19 -28.21
C PHE A 327 8.94 35.30 -26.71
N ALA A 328 8.71 36.47 -26.13
CA ALA A 328 8.99 36.66 -24.70
C ALA A 328 8.07 35.81 -23.84
N GLY A 329 6.78 35.78 -24.15
CA GLY A 329 5.88 34.92 -23.42
C GLY A 329 6.23 33.45 -23.57
N GLY A 330 6.67 33.06 -24.77
CA GLY A 330 7.08 31.68 -24.96
C GLY A 330 8.34 31.34 -24.20
N LEU A 331 9.29 32.26 -24.14
CA LEU A 331 10.52 32.01 -23.42
C LEU A 331 10.27 31.91 -21.93
N ASN A 332 9.26 32.63 -21.43
CA ASN A 332 8.73 32.33 -20.10
C ASN A 332 8.21 30.91 -20.04
N SER A 333 7.14 30.63 -20.79
CA SER A 333 6.38 29.40 -20.62
C SER A 333 7.19 28.15 -20.93
N THR A 334 8.37 28.28 -21.52
CA THR A 334 9.22 27.11 -21.63
C THR A 334 10.10 26.88 -20.39
N PHE A 335 10.79 27.92 -19.90
CA PHE A 335 11.70 27.66 -18.78
C PHE A 335 11.00 27.64 -17.44
N THR A 336 9.85 28.30 -17.30
CA THR A 336 9.08 28.07 -16.07
C THR A 336 8.59 26.64 -16.01
N SER A 337 8.30 26.02 -17.16
CA SER A 337 7.97 24.61 -17.16
C SER A 337 9.20 23.75 -16.92
N MET A 338 10.36 24.18 -17.41
CA MET A 338 11.59 23.46 -17.11
C MET A 338 11.87 23.43 -15.62
N GLY A 339 11.69 24.57 -14.95
CA GLY A 339 11.82 24.59 -13.51
C GLY A 339 10.75 23.75 -12.83
N ASN A 340 9.51 23.87 -13.28
CA ASN A 340 8.40 23.15 -12.67
C ASN A 340 8.49 21.65 -12.89
N PHE A 341 9.34 21.21 -13.82
CA PHE A 341 9.61 19.79 -14.01
C PHE A 341 10.86 19.31 -13.28
N ILE A 342 11.93 20.10 -13.28
CA ILE A 342 13.16 19.68 -12.62
C ILE A 342 12.98 19.69 -11.11
N GLY A 343 12.31 20.70 -10.57
CA GLY A 343 12.19 20.90 -9.15
C GLY A 343 11.56 19.77 -8.34
N PRO A 344 10.35 19.34 -8.71
CA PRO A 344 9.68 18.29 -7.93
C PRO A 344 10.44 16.99 -7.83
N LEU A 345 11.18 16.58 -8.88
CA LEU A 345 11.99 15.38 -8.78
C LEU A 345 13.06 15.52 -7.70
N ILE A 346 13.77 16.64 -7.69
CA ILE A 346 14.81 16.88 -6.71
C ILE A 346 14.22 16.96 -5.31
N ALA A 347 13.09 17.66 -5.17
CA ALA A 347 12.48 17.80 -3.85
C ALA A 347 11.97 16.48 -3.32
N GLY A 348 11.37 15.65 -4.17
CA GLY A 348 10.95 14.33 -3.73
C GLY A 348 12.12 13.43 -3.40
N ALA A 349 13.23 13.56 -4.14
CA ALA A 349 14.39 12.71 -3.90
C ALA A 349 15.05 13.05 -2.57
N LEU A 350 15.27 14.33 -2.30
CA LEU A 350 15.97 14.72 -1.08
C LEU A 350 15.00 15.09 0.04
N PHE A 351 13.71 14.84 -0.13
CA PHE A 351 12.79 14.99 0.98
C PHE A 351 13.03 13.94 2.06
N ASP A 352 13.43 12.73 1.67
CA ASP A 352 13.49 11.62 2.62
C ASP A 352 14.64 11.77 3.62
N VAL A 353 15.70 12.50 3.25
CA VAL A 353 16.82 12.68 4.15
C VAL A 353 16.52 13.61 5.30
N HIS A 354 15.37 14.28 5.26
CA HIS A 354 14.95 15.22 6.29
C HIS A 354 13.43 15.12 6.42
N ILE A 355 12.83 16.12 7.04
CA ILE A 355 11.39 16.32 6.98
C ILE A 355 11.20 17.76 6.51
N GLU A 356 12.18 18.60 6.84
CA GLU A 356 12.14 20.02 6.55
C GLU A 356 12.86 20.38 5.26
N ALA A 357 13.38 19.40 4.53
CA ALA A 357 14.18 19.66 3.34
C ALA A 357 13.52 20.54 2.28
N PRO A 358 12.22 20.42 1.95
CA PRO A 358 11.65 21.30 0.93
C PRO A 358 11.74 22.79 1.24
N ILE A 359 11.64 23.17 2.51
CA ILE A 359 11.60 24.59 2.85
C ILE A 359 12.92 25.27 2.50
N TYR A 360 14.04 24.65 2.89
CA TYR A 360 15.33 25.28 2.62
C TYR A 360 15.64 25.39 1.14
N MET A 361 15.08 24.52 0.30
CA MET A 361 15.18 24.73 -1.13
C MET A 361 14.53 26.03 -1.53
N ALA A 362 13.33 26.30 -1.00
CA ALA A 362 12.64 27.55 -1.30
C ALA A 362 13.42 28.74 -0.74
N ILE A 363 13.95 28.60 0.49
CA ILE A 363 14.79 29.66 1.05
C ILE A 363 16.03 29.86 0.20
N GLY A 364 16.67 28.77 -0.21
CA GLY A 364 17.89 28.89 -1.00
C GLY A 364 17.65 29.56 -2.34
N VAL A 365 16.59 29.16 -3.05
CA VAL A 365 16.36 29.76 -4.35
C VAL A 365 15.90 31.18 -4.20
N SER A 366 15.18 31.51 -3.12
CA SER A 366 14.76 32.89 -2.93
C SER A 366 15.97 33.79 -2.71
N LEU A 367 16.93 33.36 -1.87
CA LEU A 367 18.14 34.15 -1.72
C LEU A 367 18.96 34.20 -3.01
N ALA A 368 18.93 33.12 -3.82
CA ALA A 368 19.58 33.19 -5.12
C ALA A 368 18.90 34.22 -6.02
N GLY A 369 17.57 34.31 -5.94
CA GLY A 369 16.86 35.35 -6.68
C GLY A 369 17.23 36.73 -6.20
N VAL A 370 17.35 36.92 -4.88
CA VAL A 370 17.79 38.19 -4.34
C VAL A 370 19.17 38.55 -4.87
N VAL A 371 20.06 37.55 -4.95
CA VAL A 371 21.41 37.78 -5.47
C VAL A 371 21.34 38.22 -6.93
N ILE A 372 20.52 37.54 -7.73
CA ILE A 372 20.56 37.80 -9.17
C ILE A 372 19.87 39.12 -9.52
N VAL A 373 18.81 39.50 -8.79
CA VAL A 373 18.12 40.75 -9.12
C VAL A 373 18.95 41.96 -8.73
N LEU A 374 19.74 41.87 -7.65
CA LEU A 374 20.57 43.03 -7.31
C LEU A 374 21.80 43.18 -8.20
N ILE A 375 21.97 42.37 -9.25
CA ILE A 375 23.01 42.62 -10.25
C ILE A 375 22.64 43.80 -11.13
N GLU A 376 21.38 44.27 -11.06
CA GLU A 376 20.88 45.33 -11.92
C GLU A 376 21.68 46.62 -11.80
N LYS A 377 22.21 46.92 -10.61
CA LYS A 377 22.87 48.21 -10.41
C LYS A 377 24.16 48.30 -11.22
N GLN A 378 24.94 47.23 -11.29
CA GLN A 378 26.10 47.23 -12.17
C GLN A 378 25.68 47.20 -13.63
N HIS A 379 24.58 46.53 -13.96
CA HIS A 379 24.10 46.52 -15.33
C HIS A 379 23.52 47.88 -15.71
N ARG A 380 22.88 48.57 -14.76
CA ARG A 380 22.36 49.90 -15.04
C ARG A 380 23.46 50.95 -15.11
N ALA A 381 24.64 50.66 -14.55
CA ALA A 381 25.76 51.60 -14.62
C ALA A 381 26.35 51.69 -16.02
N LYS A 382 26.03 50.73 -16.89
CA LYS A 382 26.51 50.73 -18.27
C LYS A 382 25.31 50.48 -19.18
N LEU A 383 24.81 51.55 -19.81
CA LEU A 383 23.66 51.50 -20.71
C LEU A 383 22.42 50.90 -20.05
N GLU B 24 -11.68 -1.65 -12.22
CA GLU B 24 -10.79 -2.76 -11.92
C GLU B 24 -10.85 -3.84 -13.00
N ILE B 25 -9.92 -3.76 -13.95
CA ILE B 25 -9.77 -4.77 -15.01
C ILE B 25 -8.31 -5.19 -14.99
N SER B 26 -7.97 -6.18 -14.19
CA SER B 26 -6.59 -6.62 -14.02
C SER B 26 -6.53 -8.14 -14.01
N GLU B 27 -5.49 -8.70 -14.63
CA GLU B 27 -5.32 -10.14 -14.75
C GLU B 27 -3.87 -10.56 -14.51
N VAL B 28 -3.11 -9.76 -13.78
CA VAL B 28 -1.69 -10.05 -13.58
C VAL B 28 -1.55 -11.23 -12.65
N GLN B 29 -0.85 -12.27 -13.10
CA GLN B 29 -0.68 -13.49 -12.34
C GLN B 29 0.80 -13.80 -12.15
N LEU B 30 1.23 -13.88 -10.89
CA LEU B 30 2.56 -14.33 -10.53
C LEU B 30 2.46 -15.80 -10.14
N VAL B 31 3.33 -16.63 -10.70
CA VAL B 31 3.34 -18.05 -10.37
C VAL B 31 4.72 -18.44 -9.87
N GLU B 32 4.78 -19.47 -9.03
CA GLU B 32 6.02 -19.97 -8.47
CA GLU B 32 6.02 -19.97 -8.47
C GLU B 32 6.06 -21.49 -8.59
N SER B 33 7.26 -22.03 -8.66
CA SER B 33 7.44 -23.47 -8.78
C SER B 33 8.86 -23.84 -8.40
N GLY B 34 9.01 -24.97 -7.71
CA GLY B 34 10.33 -25.48 -7.42
C GLY B 34 10.60 -25.84 -5.97
N GLY B 35 9.56 -26.03 -5.18
CA GLY B 35 9.72 -26.44 -3.80
C GLY B 35 10.02 -27.91 -3.68
N GLY B 36 9.98 -28.39 -2.44
CA GLY B 36 10.05 -29.81 -2.21
C GLY B 36 11.08 -30.18 -1.18
N LEU B 37 11.22 -31.48 -0.94
CA LEU B 37 12.15 -32.00 0.04
C LEU B 37 13.58 -31.73 -0.38
N VAL B 38 14.44 -31.46 0.60
CA VAL B 38 15.86 -31.26 0.39
C VAL B 38 16.64 -31.94 1.50
N GLN B 39 17.94 -31.87 1.40
CA GLN B 39 18.91 -32.10 2.45
C GLN B 39 19.57 -30.77 2.78
N PRO B 40 19.94 -30.53 4.04
CA PRO B 40 20.63 -29.27 4.37
C PRO B 40 21.93 -29.15 3.60
N GLY B 41 22.22 -27.92 3.17
CA GLY B 41 23.30 -27.71 2.23
C GLY B 41 22.95 -28.00 0.79
N GLY B 42 21.66 -28.17 0.49
CA GLY B 42 21.22 -28.40 -0.87
C GLY B 42 21.16 -27.12 -1.66
N SER B 43 20.67 -27.24 -2.89
CA SER B 43 20.66 -26.11 -3.81
C SER B 43 19.33 -26.13 -4.56
N LEU B 44 18.36 -25.37 -4.07
CA LEU B 44 17.16 -25.09 -4.85
C LEU B 44 17.34 -23.77 -5.56
N ARG B 45 16.42 -23.47 -6.48
CA ARG B 45 16.52 -22.23 -7.23
C ARG B 45 15.12 -21.93 -7.74
N LEU B 46 14.45 -21.00 -7.06
CA LEU B 46 12.99 -20.87 -7.11
C LEU B 46 12.61 -19.88 -8.21
N SER B 47 11.83 -20.35 -9.16
CA SER B 47 11.41 -19.53 -10.29
C SER B 47 10.08 -18.86 -9.95
N CYS B 48 10.07 -17.54 -9.92
CA CYS B 48 8.82 -16.79 -9.81
C CYS B 48 8.54 -16.27 -11.21
N ALA B 49 7.86 -17.08 -12.01
CA ALA B 49 7.65 -16.78 -13.42
C ALA B 49 6.59 -15.71 -13.55
N ALA B 50 7.01 -14.47 -13.77
CA ALA B 50 6.07 -13.37 -13.89
C ALA B 50 5.27 -13.49 -15.17
N SER B 51 4.22 -12.67 -15.27
CA SER B 51 3.39 -12.65 -16.46
C SER B 51 2.58 -11.36 -16.48
N GLY B 52 2.08 -11.02 -17.67
CA GLY B 52 1.06 -10.01 -17.79
C GLY B 52 1.46 -8.60 -17.40
N PHE B 53 2.75 -8.30 -17.32
CA PHE B 53 3.18 -6.95 -16.99
C PHE B 53 4.56 -6.69 -17.57
N THR B 54 4.88 -5.41 -17.70
CA THR B 54 6.18 -4.97 -18.20
C THR B 54 7.21 -5.17 -17.10
N PHE B 55 7.91 -6.30 -17.17
CA PHE B 55 8.94 -6.63 -16.19
C PHE B 55 10.11 -5.66 -16.25
N SER B 56 10.25 -4.92 -17.36
CA SER B 56 11.40 -4.07 -17.56
C SER B 56 11.57 -3.02 -16.47
N SER B 57 10.47 -2.59 -15.85
CA SER B 57 10.54 -1.62 -14.74
C SER B 57 9.50 -2.00 -13.70
N SER B 58 9.91 -2.81 -12.73
CA SER B 58 9.07 -3.19 -11.61
C SER B 58 9.96 -3.78 -10.53
N SER B 59 9.37 -3.99 -9.35
CA SER B 59 10.07 -4.64 -8.25
C SER B 59 9.62 -6.08 -8.12
N ILE B 60 10.43 -6.88 -7.44
CA ILE B 60 10.09 -8.24 -7.08
C ILE B 60 10.52 -8.46 -5.64
N HIS B 61 9.63 -8.95 -4.81
CA HIS B 61 9.92 -9.13 -3.40
C HIS B 61 9.55 -10.55 -2.98
N TRP B 62 10.43 -11.20 -2.25
CA TRP B 62 10.21 -12.57 -1.82
C TRP B 62 9.99 -12.58 -0.32
N VAL B 63 8.80 -12.98 0.11
CA VAL B 63 8.52 -13.08 1.54
C VAL B 63 8.38 -14.55 1.89
N ARG B 64 8.17 -14.86 3.16
CA ARG B 64 7.98 -16.26 3.51
C ARG B 64 7.16 -16.35 4.78
N GLN B 65 6.64 -17.54 5.04
CA GLN B 65 5.85 -17.79 6.25
C GLN B 65 6.20 -19.16 6.78
N ALA B 66 6.75 -19.21 7.98
CA ALA B 66 7.02 -20.50 8.61
C ALA B 66 5.69 -21.15 8.94
N PRO B 67 5.67 -22.46 9.18
CA PRO B 67 4.39 -23.09 9.49
C PRO B 67 3.81 -22.68 10.83
N GLY B 68 2.81 -21.81 10.81
CA GLY B 68 2.20 -21.32 12.03
C GLY B 68 2.45 -19.85 12.31
N LYS B 69 3.68 -19.39 12.10
CA LYS B 69 4.08 -18.06 12.51
C LYS B 69 3.53 -17.01 11.55
N GLY B 70 4.06 -15.79 11.64
CA GLY B 70 3.67 -14.72 10.76
C GLY B 70 4.72 -14.42 9.71
N LEU B 71 4.33 -13.61 8.74
CA LEU B 71 5.15 -13.35 7.56
C LEU B 71 6.47 -12.72 7.95
N GLU B 72 7.43 -12.80 7.03
CA GLU B 72 8.80 -12.36 7.27
C GLU B 72 9.44 -12.15 5.92
N TRP B 73 10.09 -11.02 5.73
CA TRP B 73 10.68 -10.69 4.43
C TRP B 73 12.11 -11.20 4.35
N VAL B 74 12.49 -11.77 3.22
CA VAL B 74 13.79 -12.43 3.11
C VAL B 74 14.62 -12.00 1.92
N ALA B 75 14.07 -11.41 0.87
CA ALA B 75 14.90 -10.96 -0.25
C ALA B 75 14.12 -9.90 -1.03
N SER B 76 14.76 -9.36 -2.05
CA SER B 76 14.13 -8.37 -2.91
C SER B 76 15.01 -8.15 -4.12
N ILE B 77 14.45 -7.46 -5.11
CA ILE B 77 15.20 -7.01 -6.28
C ILE B 77 14.38 -5.95 -7.00
N SER B 78 15.07 -4.95 -7.51
CA SER B 78 14.52 -4.04 -8.50
C SER B 78 14.98 -4.51 -9.86
N SER B 79 14.05 -4.64 -10.80
CA SER B 79 14.35 -5.27 -12.08
C SER B 79 15.34 -4.44 -12.89
N SER B 80 15.20 -3.12 -12.85
CA SER B 80 16.09 -2.21 -13.56
C SER B 80 16.55 -1.12 -12.62
N SER B 81 17.86 -0.86 -12.62
CA SER B 81 18.49 0.19 -11.82
C SER B 81 18.25 -0.02 -10.32
N GLY B 82 18.65 -1.21 -9.86
CA GLY B 82 18.43 -1.55 -8.47
C GLY B 82 19.45 -2.56 -7.98
N SER B 83 19.48 -2.73 -6.67
CA SER B 83 20.42 -3.63 -6.02
C SER B 83 19.66 -4.63 -5.16
N THR B 84 20.22 -5.84 -5.06
CA THR B 84 19.57 -6.93 -4.37
C THR B 84 19.61 -6.71 -2.86
N SER B 85 18.60 -6.03 -2.32
CA SER B 85 18.52 -5.86 -0.87
C SER B 85 18.18 -7.19 -0.21
N TYR B 86 18.68 -7.39 1.01
CA TYR B 86 18.50 -8.66 1.71
C TYR B 86 18.04 -8.44 3.14
N ALA B 87 17.65 -9.54 3.77
CA ALA B 87 17.33 -9.54 5.20
C ALA B 87 18.56 -9.97 5.97
N ASP B 88 18.76 -9.33 7.12
CA ASP B 88 20.01 -9.50 7.88
C ASP B 88 20.17 -10.92 8.40
N SER B 89 19.10 -11.52 8.91
CA SER B 89 19.22 -12.82 9.57
C SER B 89 19.58 -13.92 8.59
N VAL B 90 19.27 -13.74 7.31
CA VAL B 90 19.54 -14.76 6.30
C VAL B 90 20.32 -14.16 5.14
N LYS B 91 21.09 -13.10 5.40
CA LYS B 91 21.96 -12.53 4.38
C LYS B 91 23.10 -13.48 4.04
N GLY B 92 23.44 -13.56 2.77
CA GLY B 92 24.61 -14.29 2.34
C GLY B 92 24.38 -15.73 1.93
N ARG B 93 23.27 -16.34 2.33
CA ARG B 93 22.95 -17.69 1.91
C ARG B 93 22.03 -17.72 0.70
N PHE B 94 21.59 -16.56 0.21
CA PHE B 94 20.74 -16.46 -0.95
C PHE B 94 21.41 -15.59 -2.00
N THR B 95 21.17 -15.92 -3.26
CA THR B 95 21.61 -15.10 -4.39
C THR B 95 20.37 -14.85 -5.23
N ILE B 96 19.79 -13.69 -5.11
CA ILE B 96 18.60 -13.35 -5.89
C ILE B 96 19.02 -12.62 -7.15
N SER B 97 18.38 -12.97 -8.27
CA SER B 97 18.66 -12.32 -9.54
C SER B 97 17.41 -12.41 -10.40
N ALA B 98 17.16 -11.37 -11.18
CA ALA B 98 16.01 -11.31 -12.06
C ALA B 98 16.48 -11.33 -13.50
N ASP B 99 15.98 -12.29 -14.27
CA ASP B 99 16.29 -12.39 -15.71
C ASP B 99 15.11 -11.81 -16.49
N THR B 100 15.30 -10.59 -17.01
CA THR B 100 14.25 -9.95 -17.80
C THR B 100 14.05 -10.61 -19.15
N SER B 101 14.95 -11.50 -19.56
CA SER B 101 14.86 -12.10 -20.89
C SER B 101 13.64 -13.01 -21.01
N LYS B 102 13.45 -13.90 -20.05
CA LYS B 102 12.35 -14.85 -20.08
C LYS B 102 11.20 -14.46 -19.17
N ASN B 103 11.17 -13.19 -18.74
CA ASN B 103 10.06 -12.61 -17.98
C ASN B 103 9.91 -13.23 -16.60
N THR B 104 11.00 -13.72 -16.00
CA THR B 104 10.92 -14.29 -14.66
C THR B 104 11.97 -13.70 -13.72
N ALA B 105 12.05 -14.24 -12.50
CA ALA B 105 13.01 -13.80 -11.49
C ALA B 105 13.25 -14.95 -10.52
N TYR B 106 14.52 -15.20 -10.18
CA TYR B 106 14.88 -16.38 -9.42
C TYR B 106 15.55 -16.01 -8.11
N LEU B 107 15.70 -17.03 -7.26
CA LEU B 107 16.28 -16.86 -5.93
C LEU B 107 17.02 -18.14 -5.55
N GLN B 108 18.32 -18.02 -5.29
CA GLN B 108 19.16 -19.17 -4.96
C GLN B 108 18.75 -19.77 -3.62
N MET B 109 19.38 -20.87 -3.26
CA MET B 109 19.02 -21.59 -2.04
C MET B 109 20.26 -22.39 -1.62
N ASN B 110 21.00 -21.90 -0.64
CA ASN B 110 22.25 -22.55 -0.28
C ASN B 110 22.47 -22.48 1.22
N SER B 111 23.16 -23.51 1.75
CA SER B 111 23.43 -23.66 3.17
C SER B 111 22.14 -23.64 3.99
N LEU B 112 21.31 -24.67 3.75
CA LEU B 112 19.99 -24.74 4.36
C LEU B 112 20.04 -25.17 5.81
N ARG B 113 19.31 -24.45 6.66
CA ARG B 113 19.18 -24.74 8.07
C ARG B 113 17.71 -25.02 8.38
N ALA B 114 17.47 -25.67 9.52
CA ALA B 114 16.13 -26.10 9.89
C ALA B 114 15.16 -24.95 10.09
N GLU B 115 15.67 -23.73 10.22
CA GLU B 115 14.83 -22.54 10.33
C GLU B 115 14.33 -22.04 8.98
N ASP B 116 14.59 -22.77 7.88
CA ASP B 116 14.21 -22.32 6.56
C ASP B 116 13.03 -23.09 5.97
N THR B 117 12.42 -24.00 6.71
CA THR B 117 11.14 -24.54 6.26
C THR B 117 10.10 -23.45 6.31
N ALA B 118 9.33 -23.30 5.25
CA ALA B 118 8.57 -22.08 5.05
C ALA B 118 7.59 -22.30 3.91
N VAL B 119 6.94 -21.23 3.49
CA VAL B 119 6.08 -21.22 2.31
C VAL B 119 6.40 -19.89 1.62
N TYR B 120 7.28 -19.92 0.62
CA TYR B 120 7.82 -18.70 0.05
C TYR B 120 6.87 -18.12 -0.99
N TYR B 121 6.18 -17.05 -0.65
CA TYR B 121 5.45 -16.28 -1.65
C TYR B 121 6.41 -15.45 -2.47
N CYS B 122 5.99 -15.11 -3.68
CA CYS B 122 6.69 -14.14 -4.51
C CYS B 122 5.76 -12.97 -4.71
N ALA B 123 6.23 -11.77 -4.39
CA ALA B 123 5.35 -10.62 -4.35
C ALA B 123 5.98 -9.44 -5.07
N ARG B 124 5.13 -8.50 -5.44
CA ARG B 124 5.55 -7.28 -6.12
C ARG B 124 4.85 -6.10 -5.47
N TRP B 125 5.61 -5.06 -5.13
CA TRP B 125 5.01 -3.86 -4.56
C TRP B 125 5.67 -2.63 -5.16
N GLU B 126 4.86 -1.58 -5.31
CA GLU B 126 5.34 -0.23 -5.54
C GLU B 126 4.53 0.71 -4.67
N THR B 127 4.98 1.96 -4.57
CA THR B 127 4.23 2.99 -3.86
C THR B 127 4.82 4.33 -4.24
N GLY B 128 3.97 5.25 -4.68
CA GLY B 128 4.46 6.56 -5.08
C GLY B 128 3.58 7.70 -4.64
N TYR B 129 3.72 8.83 -5.32
CA TYR B 129 2.93 10.01 -5.00
C TYR B 129 2.84 10.83 -6.27
N TYR B 130 1.63 11.12 -6.72
CA TYR B 130 1.46 11.95 -7.90
C TYR B 130 1.00 13.34 -7.49
N PRO B 131 1.92 14.27 -7.29
CA PRO B 131 1.57 15.53 -6.63
C PRO B 131 0.97 16.54 -7.59
N TYR B 132 0.09 17.39 -7.05
CA TYR B 132 -0.60 18.38 -7.88
C TYR B 132 -0.59 19.72 -7.15
N TRP B 133 0.47 20.50 -7.34
CA TRP B 133 0.54 21.94 -7.07
C TRP B 133 -0.08 22.29 -5.72
N ARG B 134 0.59 21.88 -4.65
CA ARG B 134 0.26 22.27 -3.27
C ARG B 134 -1.19 21.96 -2.86
N MET B 135 -1.82 21.01 -3.53
CA MET B 135 -2.99 20.30 -3.04
C MET B 135 -2.53 18.90 -2.63
N TYR B 136 -3.48 18.02 -2.36
CA TYR B 136 -3.18 16.62 -2.05
C TYR B 136 -3.65 15.77 -3.22
N GLY B 137 -2.71 15.13 -3.91
CA GLY B 137 -3.09 14.41 -5.12
C GLY B 137 -3.38 12.93 -5.05
N PHE B 138 -2.42 12.10 -4.63
CA PHE B 138 -2.46 10.68 -4.96
C PHE B 138 -1.85 9.80 -3.87
N TYR B 139 -1.99 8.51 -4.11
CA TYR B 139 -1.28 7.37 -3.51
C TYR B 139 -1.67 6.14 -4.32
N TRP B 140 -0.75 5.19 -4.45
CA TRP B 140 -1.04 3.97 -5.21
C TRP B 140 -0.10 2.85 -4.78
N ALA B 141 -0.58 1.60 -4.88
CA ALA B 141 0.12 0.48 -4.27
C ALA B 141 0.45 -0.66 -5.22
N LEU B 142 -0.53 -1.14 -5.98
CA LEU B 142 -0.34 -2.04 -7.13
C LEU B 142 0.00 -3.49 -6.75
N ASP B 143 0.41 -3.76 -5.51
CA ASP B 143 -0.06 -4.88 -4.69
C ASP B 143 0.31 -6.31 -5.08
N TYR B 144 0.64 -6.64 -6.33
CA TYR B 144 0.44 -8.03 -6.79
C TYR B 144 1.32 -9.05 -6.07
N TRP B 145 0.69 -10.16 -5.68
CA TRP B 145 1.25 -11.25 -4.89
C TRP B 145 1.22 -12.53 -5.71
N GLY B 146 1.58 -13.64 -5.07
CA GLY B 146 1.66 -14.92 -5.72
C GLY B 146 0.94 -15.98 -4.91
N GLN B 147 1.41 -17.22 -5.04
CA GLN B 147 0.72 -18.34 -4.39
C GLN B 147 1.61 -19.14 -3.45
N GLY B 148 2.86 -19.39 -3.80
CA GLY B 148 3.77 -19.95 -2.83
C GLY B 148 4.01 -21.44 -3.01
N THR B 149 5.23 -21.86 -2.71
CA THR B 149 5.65 -23.24 -2.81
C THR B 149 6.20 -23.72 -1.48
N LEU B 150 5.67 -24.84 -0.98
CA LEU B 150 6.13 -25.38 0.28
C LEU B 150 7.56 -25.87 0.14
N VAL B 151 8.47 -25.27 0.91
CA VAL B 151 9.89 -25.65 0.90
C VAL B 151 10.16 -26.38 2.21
N THR B 152 10.62 -27.61 2.13
CA THR B 152 10.82 -28.42 3.32
C THR B 152 12.32 -28.69 3.46
N VAL B 153 12.77 -28.84 4.71
CA VAL B 153 14.19 -28.80 5.06
C VAL B 153 14.40 -30.09 5.86
N PHE B 154 15.54 -30.23 6.55
CA PHE B 154 16.22 -31.45 7.00
C PHE B 154 15.35 -32.67 7.24
N ASN B 155 15.76 -33.78 6.64
CA ASN B 155 14.97 -34.99 6.59
C ASN B 155 15.62 -36.08 7.42
N GLN B 156 14.81 -36.78 8.19
CA GLN B 156 15.08 -38.10 8.73
C GLN B 156 13.88 -38.98 8.38
N ILE B 157 13.59 -39.01 7.07
CA ILE B 157 12.34 -39.47 6.46
C ILE B 157 11.86 -40.77 7.07
N LYS B 158 10.62 -40.78 7.55
CA LYS B 158 10.05 -41.95 8.18
C LYS B 158 8.54 -41.95 7.94
N GLY B 159 8.01 -43.11 7.59
CA GLY B 159 6.59 -43.25 7.44
C GLY B 159 5.89 -43.17 8.78
N PRO B 160 4.62 -42.79 8.78
CA PRO B 160 3.88 -42.67 10.03
C PRO B 160 3.32 -44.00 10.49
N SER B 161 3.23 -44.13 11.81
CA SER B 161 2.67 -45.31 12.45
C SER B 161 1.30 -44.95 13.00
N VAL B 162 0.27 -45.69 12.57
CA VAL B 162 -1.11 -45.37 12.87
C VAL B 162 -1.62 -46.36 13.91
N PHE B 163 -2.16 -45.83 15.01
CA PHE B 163 -2.78 -46.65 16.04
C PHE B 163 -4.14 -46.09 16.37
N PRO B 164 -5.15 -46.95 16.58
CA PRO B 164 -6.51 -46.46 16.78
C PRO B 164 -6.86 -46.26 18.25
N LEU B 165 -7.49 -45.12 18.53
CA LEU B 165 -7.92 -44.81 19.89
C LEU B 165 -9.33 -45.39 20.03
N ALA B 166 -9.41 -46.51 20.75
CA ALA B 166 -10.65 -47.29 20.76
C ALA B 166 -11.72 -46.60 21.60
N PRO B 167 -12.94 -46.43 21.08
CA PRO B 167 -14.02 -45.86 21.88
C PRO B 167 -14.57 -46.87 22.87
N SER B 168 -14.77 -46.42 24.10
CA SER B 168 -15.18 -47.30 25.19
C SER B 168 -16.70 -47.35 25.29
N SER B 169 -17.20 -47.86 26.41
CA SER B 169 -18.62 -47.89 26.71
C SER B 169 -18.86 -47.01 27.94
N LYS B 170 -19.14 -45.73 27.70
CA LYS B 170 -19.28 -44.77 28.79
C LYS B 170 -20.55 -43.93 28.73
N SER B 171 -21.18 -43.76 27.57
CA SER B 171 -22.47 -43.12 27.41
C SER B 171 -22.46 -41.68 27.93
N THR B 172 -21.69 -40.85 27.23
CA THR B 172 -21.56 -39.44 27.62
C THR B 172 -22.89 -38.70 27.50
N SER B 173 -23.59 -38.83 26.37
CA SER B 173 -24.88 -38.19 26.19
C SER B 173 -25.68 -39.00 25.16
N GLY B 174 -26.47 -39.94 25.65
CA GLY B 174 -27.33 -40.76 24.81
C GLY B 174 -26.63 -41.42 23.63
N GLY B 175 -27.01 -40.99 22.43
CA GLY B 175 -26.40 -41.49 21.21
C GLY B 175 -25.27 -40.63 20.70
N THR B 176 -24.21 -40.46 21.49
CA THR B 176 -23.06 -39.66 21.09
C THR B 176 -21.79 -40.33 21.61
N ALA B 177 -20.78 -40.41 20.75
CA ALA B 177 -19.53 -41.06 21.10
C ALA B 177 -18.42 -40.50 20.23
N ALA B 178 -17.17 -40.77 20.65
CA ALA B 178 -16.01 -40.26 19.97
C ALA B 178 -15.00 -41.37 19.73
N LEU B 179 -14.29 -41.28 18.61
CA LEU B 179 -13.32 -42.28 18.19
C LEU B 179 -12.32 -41.61 17.26
N GLY B 180 -11.17 -42.25 17.08
CA GLY B 180 -10.16 -41.68 16.21
C GLY B 180 -8.91 -42.54 16.19
N CYS B 181 -8.00 -42.19 15.28
CA CYS B 181 -6.77 -42.91 15.07
C CYS B 181 -5.59 -41.95 15.22
N LEU B 182 -4.51 -42.44 15.85
CA LEU B 182 -3.37 -41.61 16.22
C LEU B 182 -2.22 -41.85 15.25
N VAL B 183 -1.66 -40.78 14.72
CA VAL B 183 -0.61 -40.85 13.72
C VAL B 183 0.68 -40.49 14.43
N LYS B 184 1.54 -41.48 14.67
CA LYS B 184 2.62 -41.37 15.63
C LYS B 184 3.96 -41.50 14.92
N ASP B 185 4.90 -40.62 15.27
CA ASP B 185 6.30 -40.70 14.84
C ASP B 185 6.44 -40.65 13.32
N TYR B 186 6.09 -39.51 12.74
CA TYR B 186 6.41 -39.26 11.35
C TYR B 186 7.26 -38.00 11.25
N PHE B 187 7.86 -37.79 10.07
CA PHE B 187 8.66 -36.61 9.78
C PHE B 187 8.85 -36.64 8.26
N PRO B 188 8.54 -35.57 7.50
CA PRO B 188 8.03 -34.22 7.70
C PRO B 188 6.62 -33.95 7.24
N GLU B 189 6.19 -32.71 7.48
CA GLU B 189 4.85 -32.30 7.14
C GLU B 189 4.65 -32.29 5.63
N PRO B 190 3.43 -32.55 5.15
CA PRO B 190 2.25 -32.84 5.96
C PRO B 190 1.74 -34.26 5.86
N VAL B 191 0.73 -34.56 6.65
CA VAL B 191 -0.06 -35.77 6.55
C VAL B 191 -1.51 -35.37 6.34
N THR B 192 -2.17 -36.04 5.42
CA THR B 192 -3.59 -35.84 5.20
C THR B 192 -4.33 -37.09 5.67
N VAL B 193 -5.27 -36.90 6.59
CA VAL B 193 -6.10 -37.99 7.06
C VAL B 193 -7.52 -37.74 6.59
N SER B 194 -8.25 -38.82 6.34
CA SER B 194 -9.66 -38.73 6.00
C SER B 194 -10.34 -40.01 6.47
N TRP B 195 -11.63 -39.92 6.71
CA TRP B 195 -12.36 -40.98 7.39
C TRP B 195 -13.32 -41.64 6.41
N ASN B 196 -13.20 -42.95 6.26
CA ASN B 196 -13.93 -43.74 5.25
C ASN B 196 -13.69 -43.21 3.85
N SER B 197 -12.50 -42.64 3.64
CA SER B 197 -12.04 -42.13 2.34
C SER B 197 -13.02 -41.12 1.74
N GLY B 198 -13.23 -40.04 2.49
CA GLY B 198 -14.10 -38.97 2.05
C GLY B 198 -15.57 -39.16 2.40
N ALA B 199 -15.95 -40.28 3.00
CA ALA B 199 -17.33 -40.55 3.34
C ALA B 199 -17.70 -40.07 4.73
N LEU B 200 -16.81 -39.35 5.42
CA LEU B 200 -17.10 -38.83 6.75
C LEU B 200 -16.27 -37.55 6.93
N THR B 201 -16.95 -36.41 6.89
CA THR B 201 -16.29 -35.12 7.08
C THR B 201 -17.18 -34.30 8.01
N SER B 202 -18.40 -34.77 8.23
CA SER B 202 -19.32 -34.13 9.15
C SER B 202 -18.88 -34.42 10.57
N GLY B 203 -18.00 -33.56 11.10
CA GLY B 203 -17.52 -33.72 12.44
C GLY B 203 -16.16 -34.38 12.54
N VAL B 204 -15.25 -33.97 11.67
CA VAL B 204 -13.88 -34.46 11.73
C VAL B 204 -13.03 -33.40 12.40
N HIS B 205 -12.03 -33.86 13.15
CA HIS B 205 -11.08 -32.97 13.80
C HIS B 205 -9.68 -33.50 13.51
N THR B 206 -8.86 -32.68 12.85
CA THR B 206 -7.46 -33.00 12.61
C THR B 206 -6.63 -31.92 13.29
N PHE B 207 -6.25 -32.21 14.52
CA PHE B 207 -5.50 -31.27 15.33
C PHE B 207 -4.14 -30.99 14.68
N PRO B 208 -3.73 -29.73 14.60
CA PRO B 208 -2.44 -29.41 13.99
C PRO B 208 -1.30 -30.13 14.66
N ALA B 209 -0.31 -30.50 13.84
CA ALA B 209 0.78 -31.34 14.31
C ALA B 209 1.71 -30.55 15.23
N VAL B 210 2.17 -31.21 16.28
CA VAL B 210 3.04 -30.59 17.28
C VAL B 210 4.43 -31.19 17.14
N LEU B 211 5.44 -30.32 17.13
CA LEU B 211 6.83 -30.75 16.95
C LEU B 211 7.26 -31.40 18.24
N GLN B 212 7.22 -32.72 18.29
CA GLN B 212 7.56 -33.45 19.49
C GLN B 212 9.04 -33.25 19.85
N SER B 213 9.37 -33.57 21.10
CA SER B 213 10.73 -33.36 21.58
C SER B 213 11.75 -34.24 20.86
N SER B 214 11.37 -35.49 20.57
CA SER B 214 12.28 -36.43 19.94
C SER B 214 12.58 -36.12 18.49
N GLY B 215 11.86 -35.16 17.89
CA GLY B 215 12.09 -34.75 16.51
C GLY B 215 11.07 -35.27 15.54
N LEU B 216 10.23 -36.21 15.93
CA LEU B 216 9.21 -36.80 15.05
C LEU B 216 7.88 -36.14 15.37
N TYR B 217 7.27 -35.51 14.37
CA TYR B 217 6.01 -34.82 14.59
C TYR B 217 4.88 -35.82 14.85
N SER B 218 3.81 -35.33 15.46
CA SER B 218 2.64 -36.14 15.74
CA SER B 218 2.64 -36.14 15.73
C SER B 218 1.38 -35.34 15.44
N LEU B 219 0.33 -36.04 15.03
CA LEU B 219 -0.92 -35.40 14.64
C LEU B 219 -2.03 -36.44 14.73
N SER B 220 -2.94 -36.28 15.69
CA SER B 220 -4.05 -37.20 15.86
C SER B 220 -5.29 -36.67 15.14
N SER B 221 -6.29 -37.54 15.02
CA SER B 221 -7.57 -37.12 14.46
C SER B 221 -8.70 -37.95 15.04
N VAL B 222 -9.79 -37.28 15.41
CA VAL B 222 -10.95 -37.92 16.00
C VAL B 222 -12.21 -37.34 15.40
N VAL B 223 -13.29 -38.12 15.50
CA VAL B 223 -14.60 -37.74 14.99
C VAL B 223 -15.63 -38.02 16.08
N THR B 224 -16.82 -37.47 15.89
CA THR B 224 -17.96 -37.69 16.78
C THR B 224 -19.03 -38.43 16.01
N VAL B 225 -19.43 -39.60 16.52
CA VAL B 225 -20.40 -40.45 15.84
C VAL B 225 -21.47 -40.87 16.84
N PRO B 226 -22.67 -41.19 16.36
CA PRO B 226 -23.71 -41.71 17.27
C PRO B 226 -23.31 -43.05 17.88
N SER B 227 -23.64 -43.22 19.16
CA SER B 227 -23.12 -44.35 19.92
C SER B 227 -23.81 -45.65 19.52
N SER B 228 -25.12 -45.61 19.30
CA SER B 228 -25.85 -46.82 18.93
C SER B 228 -25.43 -47.34 17.55
N SER B 229 -24.87 -46.48 16.71
CA SER B 229 -24.41 -46.90 15.39
C SER B 229 -23.10 -47.68 15.44
N LEU B 230 -22.37 -47.62 16.55
CA LEU B 230 -21.07 -48.26 16.63
C LEU B 230 -21.20 -49.78 16.64
N GLY B 231 -20.21 -50.44 16.06
CA GLY B 231 -20.27 -51.87 15.84
C GLY B 231 -21.03 -52.29 14.61
N THR B 232 -21.56 -51.34 13.84
CA THR B 232 -22.29 -51.63 12.61
C THR B 232 -21.60 -51.10 11.36
N GLN B 233 -21.31 -49.80 11.30
CA GLN B 233 -20.50 -49.30 10.19
C GLN B 233 -19.01 -49.55 10.46
N THR B 234 -18.17 -49.04 9.56
CA THR B 234 -16.73 -49.18 9.68
C THR B 234 -16.07 -47.82 9.56
N TYR B 235 -14.86 -47.72 10.10
CA TYR B 235 -14.09 -46.48 10.05
C TYR B 235 -12.63 -46.82 9.81
N ILE B 236 -12.03 -46.17 8.82
CA ILE B 236 -10.63 -46.37 8.46
C ILE B 236 -10.03 -45.02 8.10
N CYS B 237 -8.81 -44.77 8.56
CA CYS B 237 -8.10 -43.53 8.27
C CYS B 237 -6.96 -43.80 7.32
N ASN B 238 -6.78 -42.94 6.34
CA ASN B 238 -5.83 -43.15 5.25
C ASN B 238 -4.79 -42.04 5.24
N VAL B 239 -3.61 -42.34 5.78
CA VAL B 239 -2.55 -41.33 5.94
C VAL B 239 -1.78 -41.23 4.62
N ASN B 240 -2.15 -40.25 3.80
CA ASN B 240 -1.44 -40.01 2.53
C ASN B 240 -0.16 -39.22 2.77
N HIS B 241 0.76 -39.81 3.54
CA HIS B 241 2.02 -39.17 3.79
C HIS B 241 2.89 -39.25 2.55
N LYS B 242 2.85 -38.20 1.72
CA LYS B 242 3.47 -38.25 0.40
C LYS B 242 4.99 -38.44 0.42
N PRO B 243 5.78 -37.66 1.19
CA PRO B 243 7.24 -37.79 1.05
C PRO B 243 7.81 -39.11 1.52
N SER B 244 7.05 -39.93 2.24
CA SER B 244 7.48 -41.28 2.55
C SER B 244 6.76 -42.34 1.73
N ASN B 245 5.91 -41.92 0.78
CA ASN B 245 5.24 -42.81 -0.16
C ASN B 245 4.43 -43.88 0.57
N THR B 246 3.83 -43.50 1.69
CA THR B 246 3.26 -44.45 2.63
C THR B 246 1.77 -44.20 2.82
N LYS B 247 1.00 -45.28 2.85
CA LYS B 247 -0.44 -45.22 3.10
C LYS B 247 -0.79 -46.41 3.97
N VAL B 248 -1.05 -46.16 5.25
CA VAL B 248 -1.41 -47.22 6.20
C VAL B 248 -2.81 -46.94 6.72
N ASP B 249 -3.69 -47.92 6.61
CA ASP B 249 -5.07 -47.81 7.07
C ASP B 249 -5.30 -48.77 8.23
N LYS B 250 -5.82 -48.25 9.33
CA LYS B 250 -6.13 -49.06 10.50
C LYS B 250 -7.62 -48.97 10.80
N LYS B 251 -8.18 -50.08 11.27
CA LYS B 251 -9.62 -50.20 11.50
C LYS B 251 -9.94 -49.89 12.95
N VAL B 252 -11.02 -49.14 13.17
CA VAL B 252 -11.46 -48.75 14.50
C VAL B 252 -12.67 -49.58 14.87
N GLU B 253 -12.60 -50.28 16.00
CA GLU B 253 -13.69 -51.08 16.49
C GLU B 253 -13.71 -50.96 18.01
N PRO B 254 -14.87 -50.77 18.63
CA PRO B 254 -14.90 -50.63 20.09
C PRO B 254 -14.56 -51.91 20.82
N LYS B 255 -13.39 -51.94 21.45
CA LYS B 255 -12.93 -53.12 22.16
C LYS B 255 -11.92 -52.75 23.24
N ILE C 26 15.81 -2.90 13.43
CA ILE C 26 14.44 -2.40 13.30
C ILE C 26 13.41 -3.48 13.64
N GLN C 27 12.43 -3.09 14.44
CA GLN C 27 11.28 -3.93 14.79
C GLN C 27 10.01 -3.15 14.51
N MET C 28 8.87 -3.83 14.63
CA MET C 28 7.57 -3.17 14.47
C MET C 28 6.62 -3.88 15.45
N THR C 29 6.56 -3.40 16.67
CA THR C 29 5.74 -4.05 17.68
C THR C 29 4.27 -3.79 17.41
N GLN C 30 3.46 -4.85 17.43
CA GLN C 30 2.06 -4.76 17.08
C GLN C 30 1.22 -5.45 18.13
N SER C 31 0.19 -4.76 18.60
CA SER C 31 -0.66 -5.23 19.68
C SER C 31 -2.11 -4.89 19.36
N PRO C 32 -3.07 -5.70 19.84
CA PRO C 32 -2.91 -6.95 20.58
C PRO C 32 -2.79 -8.13 19.64
N SER C 33 -2.66 -9.35 20.16
CA SER C 33 -2.46 -10.53 19.35
C SER C 33 -3.65 -11.49 19.37
N SER C 34 -4.81 -11.04 19.84
CA SER C 34 -6.04 -11.81 19.71
C SER C 34 -7.22 -10.90 20.03
N LEU C 35 -8.16 -10.80 19.10
CA LEU C 35 -9.40 -10.06 19.30
C LEU C 35 -10.58 -11.00 19.15
N SER C 36 -11.45 -11.01 20.15
CA SER C 36 -12.69 -11.78 20.11
C SER C 36 -13.82 -10.76 20.01
N ALA C 37 -14.14 -10.35 18.79
CA ALA C 37 -15.09 -9.27 18.56
C ALA C 37 -16.31 -9.80 17.82
N SER C 38 -17.50 -9.50 18.35
CA SER C 38 -18.73 -9.96 17.75
C SER C 38 -19.03 -9.17 16.47
N VAL C 39 -19.96 -9.68 15.68
CA VAL C 39 -20.21 -9.15 14.34
C VAL C 39 -20.81 -7.76 14.43
N GLY C 40 -20.24 -6.83 13.67
CA GLY C 40 -20.74 -5.47 13.62
C GLY C 40 -20.13 -4.50 14.61
N ASP C 41 -19.17 -4.93 15.41
CA ASP C 41 -18.60 -4.08 16.45
C ASP C 41 -17.33 -3.42 15.91
N ARG C 42 -16.73 -2.54 16.71
CA ARG C 42 -15.56 -1.76 16.30
C ARG C 42 -14.29 -2.37 16.89
N VAL C 43 -13.25 -2.50 16.06
CA VAL C 43 -11.97 -3.02 16.50
C VAL C 43 -10.86 -2.05 16.12
N THR C 44 -9.75 -2.13 16.86
CA THR C 44 -8.61 -1.25 16.67
C THR C 44 -7.33 -2.04 16.88
N ILE C 45 -6.41 -1.92 15.91
CA ILE C 45 -5.12 -2.62 15.93
C ILE C 45 -4.02 -1.60 15.72
N THR C 46 -3.00 -1.61 16.58
CA THR C 46 -1.99 -0.56 16.60
C THR C 46 -0.59 -1.12 16.43
N CYS C 47 0.23 -0.45 15.63
CA CYS C 47 1.65 -0.76 15.51
C CYS C 47 2.47 0.43 15.95
N ARG C 48 3.62 0.16 16.56
CA ARG C 48 4.51 1.18 17.11
C ARG C 48 5.90 1.01 16.48
N ALA C 49 6.21 1.82 15.48
CA ALA C 49 7.51 1.72 14.83
C ALA C 49 8.62 2.05 15.82
N SER C 50 9.73 1.32 15.73
CA SER C 50 10.84 1.56 16.65
C SER C 50 11.49 2.91 16.37
N GLN C 51 11.57 3.30 15.11
CA GLN C 51 11.98 4.64 14.72
C GLN C 51 10.86 5.25 13.88
N SER C 52 10.66 6.55 14.03
CA SER C 52 9.68 7.25 13.19
C SER C 52 10.18 7.24 11.76
N VAL C 53 9.51 6.50 10.88
CA VAL C 53 10.01 6.36 9.52
C VAL C 53 9.42 7.42 8.57
N SER C 54 8.13 7.33 8.28
CA SER C 54 7.44 8.22 7.36
C SER C 54 5.97 7.86 7.44
N SER C 55 5.20 8.31 6.45
CA SER C 55 3.84 7.83 6.27
C SER C 55 3.76 6.55 5.45
N ALA C 56 4.79 5.69 5.51
CA ALA C 56 4.89 4.49 4.68
C ALA C 56 4.65 3.25 5.53
N VAL C 57 3.38 2.87 5.69
CA VAL C 57 2.97 1.65 6.38
C VAL C 57 1.78 1.08 5.62
N ALA C 58 1.75 -0.24 5.44
CA ALA C 58 0.63 -0.91 4.83
C ALA C 58 0.03 -1.92 5.79
N TRP C 59 -1.20 -2.36 5.52
CA TRP C 59 -1.94 -3.20 6.47
C TRP C 59 -2.53 -4.41 5.75
N TYR C 60 -1.76 -5.48 5.62
CA TYR C 60 -2.23 -6.66 4.92
C TYR C 60 -3.25 -7.42 5.76
N GLN C 61 -4.00 -8.30 5.11
CA GLN C 61 -4.73 -9.33 5.85
C GLN C 61 -4.53 -10.66 5.15
N GLN C 62 -4.52 -11.73 5.94
CA GLN C 62 -4.27 -13.06 5.41
C GLN C 62 -5.39 -13.98 5.88
N LYS C 63 -6.21 -14.45 4.94
CA LYS C 63 -7.16 -15.48 5.28
C LYS C 63 -6.40 -16.76 5.60
N PRO C 64 -7.00 -17.67 6.36
CA PRO C 64 -6.31 -18.93 6.68
C PRO C 64 -6.01 -19.74 5.42
N GLY C 65 -4.71 -19.94 5.17
CA GLY C 65 -4.26 -20.73 4.04
C GLY C 65 -4.51 -20.15 2.67
N LYS C 66 -4.27 -18.86 2.49
CA LYS C 66 -4.37 -18.21 1.19
C LYS C 66 -3.32 -17.11 1.13
N ALA C 67 -3.48 -16.23 0.24
CA ALA C 67 -2.44 -15.24 0.13
C ALA C 67 -2.84 -13.95 0.82
N PRO C 68 -1.89 -13.23 1.39
CA PRO C 68 -2.20 -11.89 1.92
C PRO C 68 -2.63 -10.94 0.82
N LYS C 69 -3.58 -10.08 1.16
CA LYS C 69 -4.06 -9.01 0.30
C LYS C 69 -3.72 -7.69 0.98
N LEU C 70 -3.64 -6.62 0.20
CA LEU C 70 -3.29 -5.31 0.75
C LEU C 70 -4.58 -4.53 0.93
N LEU C 71 -4.74 -3.91 2.10
CA LEU C 71 -5.95 -3.19 2.44
C LEU C 71 -5.75 -1.69 2.47
N ILE C 72 -4.68 -1.22 3.12
CA ILE C 72 -4.40 0.19 3.31
C ILE C 72 -2.93 0.41 3.00
N TYR C 73 -2.63 1.41 2.19
CA TYR C 73 -1.27 1.66 1.75
C TYR C 73 -0.90 3.11 2.01
N SER C 74 0.36 3.31 2.42
CA SER C 74 0.85 4.61 2.88
C SER C 74 0.02 5.16 4.03
N ALA C 75 -0.46 4.26 4.88
CA ALA C 75 -0.99 4.54 6.22
C ALA C 75 -2.36 5.21 6.23
N SER C 76 -2.89 5.61 5.09
CA SER C 76 -4.22 6.22 5.11
C SER C 76 -5.15 5.84 3.96
N SER C 77 -4.64 5.33 2.84
CA SER C 77 -5.40 5.30 1.60
C SER C 77 -6.01 3.93 1.39
N LEU C 78 -7.33 3.91 1.18
CA LEU C 78 -8.03 2.65 0.92
C LEU C 78 -7.59 2.05 -0.40
N TYR C 79 -7.53 0.73 -0.45
CA TYR C 79 -7.27 0.05 -1.70
C TYR C 79 -8.54 -0.07 -2.55
N SER C 80 -8.33 -0.24 -3.85
CA SER C 80 -9.44 -0.39 -4.78
C SER C 80 -10.10 -1.75 -4.59
N GLY C 81 -11.43 -1.75 -4.54
CA GLY C 81 -12.15 -2.97 -4.27
C GLY C 81 -12.15 -3.38 -2.82
N VAL C 82 -12.03 -2.43 -1.91
CA VAL C 82 -11.98 -2.70 -0.47
C VAL C 82 -13.14 -1.96 0.18
N PRO C 83 -13.89 -2.58 1.09
CA PRO C 83 -15.00 -1.88 1.73
C PRO C 83 -14.54 -0.67 2.51
N SER C 84 -15.42 0.33 2.60
CA SER C 84 -15.07 1.62 3.18
C SER C 84 -14.86 1.57 4.68
N ARG C 85 -15.20 0.46 5.33
CA ARG C 85 -15.04 0.36 6.78
C ARG C 85 -13.58 0.39 7.20
N PHE C 86 -12.68 -0.19 6.41
CA PHE C 86 -11.26 -0.31 6.79
C PHE C 86 -10.60 1.06 6.74
N SER C 87 -10.86 1.84 7.78
CA SER C 87 -10.36 3.21 7.87
C SER C 87 -9.10 3.23 8.71
N GLY C 88 -7.97 3.49 8.06
CA GLY C 88 -6.72 3.62 8.78
C GLY C 88 -6.53 5.01 9.33
N SER C 89 -5.50 5.18 10.16
CA SER C 89 -5.24 6.47 10.76
C SER C 89 -3.80 6.54 11.21
N ARG C 90 -3.04 7.48 10.66
CA ARG C 90 -1.76 7.86 11.23
C ARG C 90 -2.00 8.50 12.59
N SER C 91 -1.11 8.22 13.55
CA SER C 91 -1.08 8.99 14.80
C SER C 91 0.36 8.98 15.30
N GLY C 92 1.12 10.02 14.95
CA GLY C 92 2.50 10.10 15.39
C GLY C 92 3.33 8.97 14.82
N THR C 93 3.65 7.99 15.66
CA THR C 93 4.16 6.71 15.21
C THR C 93 3.17 5.58 15.45
N ASP C 94 2.02 5.86 16.06
CA ASP C 94 0.99 4.87 16.36
C ASP C 94 0.05 4.69 15.18
N PHE C 95 0.56 4.05 14.13
CA PHE C 95 -0.28 3.72 12.99
C PHE C 95 -1.36 2.75 13.44
N THR C 96 -2.62 3.02 13.07
CA THR C 96 -3.76 2.24 13.52
CA THR C 96 -3.73 2.18 13.49
C THR C 96 -4.67 1.93 12.33
N LEU C 97 -5.36 0.79 12.42
CA LEU C 97 -6.41 0.40 11.50
C LEU C 97 -7.69 0.28 12.31
N THR C 98 -8.76 0.87 11.81
CA THR C 98 -10.03 0.88 12.53
C THR C 98 -11.11 0.34 11.61
N ILE C 99 -11.75 -0.75 12.03
CA ILE C 99 -12.94 -1.26 11.36
C ILE C 99 -14.13 -0.85 12.20
N SER C 100 -15.08 -0.15 11.59
CA SER C 100 -16.28 0.25 12.31
C SER C 100 -17.13 -0.95 12.67
N SER C 101 -17.37 -1.84 11.71
CA SER C 101 -18.21 -3.02 11.91
C SER C 101 -17.56 -4.23 11.28
N LEU C 102 -17.50 -5.33 12.03
CA LEU C 102 -17.04 -6.59 11.47
C LEU C 102 -18.19 -7.36 10.86
N GLN C 103 -17.88 -8.12 9.83
CA GLN C 103 -18.83 -8.90 9.04
CA GLN C 103 -18.83 -8.90 9.05
C GLN C 103 -18.28 -10.30 8.84
N PRO C 104 -19.13 -11.28 8.50
CA PRO C 104 -18.65 -12.65 8.32
C PRO C 104 -17.57 -12.86 7.26
N GLU C 105 -17.11 -11.81 6.58
CA GLU C 105 -15.98 -11.91 5.68
C GLU C 105 -14.74 -11.18 6.20
N ASP C 106 -14.70 -10.88 7.50
CA ASP C 106 -13.60 -10.11 8.08
C ASP C 106 -13.04 -10.80 9.31
N PHE C 107 -12.78 -12.10 9.20
CA PHE C 107 -12.32 -12.91 10.33
C PHE C 107 -11.04 -13.62 9.92
N ALA C 108 -9.91 -12.92 10.02
CA ALA C 108 -8.62 -13.44 9.56
C ALA C 108 -7.52 -12.56 10.10
N THR C 109 -6.29 -12.99 9.92
CA THR C 109 -5.13 -12.37 10.56
C THR C 109 -4.74 -11.08 9.83
N TYR C 110 -4.40 -10.03 10.59
CA TYR C 110 -4.03 -8.73 10.01
C TYR C 110 -2.60 -8.38 10.34
N TYR C 111 -1.77 -8.20 9.30
CA TYR C 111 -0.35 -7.87 9.42
C TYR C 111 -0.12 -6.44 9.00
N CYS C 112 0.86 -5.80 9.62
CA CYS C 112 1.20 -4.42 9.31
C CYS C 112 2.68 -4.34 8.92
N GLN C 113 2.96 -3.72 7.79
CA GLN C 113 4.28 -3.76 7.19
C GLN C 113 4.91 -2.38 7.17
N GLN C 114 6.17 -2.31 7.56
CA GLN C 114 6.94 -1.07 7.51
C GLN C 114 7.75 -1.04 6.23
N SER C 115 7.52 -0.02 5.40
CA SER C 115 8.26 0.12 4.15
C SER C 115 9.38 1.15 4.35
N SER C 116 10.42 0.72 5.04
CA SER C 116 11.53 1.61 5.36
C SER C 116 12.41 1.79 4.12
N SER C 117 13.63 2.27 4.32
CA SER C 117 14.59 2.46 3.24
C SER C 117 15.18 1.10 2.86
N SER C 118 14.39 0.34 2.10
CA SER C 118 14.82 -0.92 1.48
C SER C 118 15.25 -1.96 2.51
N LEU C 119 14.64 -1.94 3.69
CA LEU C 119 14.80 -3.03 4.66
C LEU C 119 13.41 -3.27 5.24
N ILE C 120 12.63 -4.10 4.57
CA ILE C 120 11.22 -4.29 4.90
C ILE C 120 11.14 -5.15 6.16
N THR C 121 10.12 -4.91 6.99
CA THR C 121 9.87 -5.78 8.12
C THR C 121 8.38 -5.80 8.41
N PHE C 122 7.85 -6.99 8.67
CA PHE C 122 6.43 -7.16 8.90
C PHE C 122 6.13 -6.97 10.39
N GLY C 123 4.93 -7.35 10.82
CA GLY C 123 4.53 -7.23 12.20
C GLY C 123 4.41 -8.60 12.85
N GLN C 124 4.22 -8.58 14.17
CA GLN C 124 4.13 -9.82 14.94
C GLN C 124 2.84 -10.57 14.66
N GLY C 125 1.83 -9.91 14.13
CA GLY C 125 0.63 -10.61 13.74
C GLY C 125 -0.55 -10.45 14.69
N THR C 126 -1.65 -9.93 14.17
CA THR C 126 -2.89 -9.79 14.92
C THR C 126 -3.95 -10.71 14.37
N LYS C 127 -4.55 -11.51 15.24
CA LYS C 127 -5.65 -12.38 14.86
C LYS C 127 -6.97 -11.73 15.26
N VAL C 128 -8.04 -12.07 14.55
CA VAL C 128 -9.38 -11.59 14.85
C VAL C 128 -10.31 -12.78 14.83
N GLU C 129 -11.07 -12.97 15.91
CA GLU C 129 -11.79 -14.21 16.15
C GLU C 129 -13.23 -13.89 16.55
N ILE C 130 -14.15 -14.78 16.23
CA ILE C 130 -15.58 -14.51 16.44
C ILE C 130 -15.97 -14.93 17.86
N LYS C 131 -16.96 -14.24 18.43
CA LYS C 131 -17.50 -14.58 19.74
C LYS C 131 -18.71 -15.50 19.65
N ARG C 132 -18.72 -16.50 20.51
CA ARG C 132 -19.90 -17.28 20.84
C ARG C 132 -20.28 -16.95 22.28
N THR C 133 -21.32 -17.59 22.80
CA THR C 133 -21.69 -17.26 24.18
C THR C 133 -20.82 -18.03 25.16
N VAL C 134 -21.09 -19.33 25.30
CA VAL C 134 -20.39 -20.27 26.18
C VAL C 134 -20.81 -21.66 25.74
N ALA C 135 -19.84 -22.56 25.62
CA ALA C 135 -20.11 -23.95 25.32
C ALA C 135 -19.39 -24.83 26.32
N ALA C 136 -20.11 -25.80 26.88
CA ALA C 136 -19.51 -26.71 27.84
C ALA C 136 -18.61 -27.70 27.11
N PRO C 137 -17.32 -27.76 27.42
CA PRO C 137 -16.46 -28.75 26.78
C PRO C 137 -16.87 -30.17 27.13
N SER C 138 -16.77 -31.05 26.14
CA SER C 138 -16.97 -32.47 26.32
C SER C 138 -15.62 -33.15 26.50
N VAL C 139 -15.55 -34.09 27.43
CA VAL C 139 -14.29 -34.78 27.72
C VAL C 139 -14.43 -36.26 27.41
N PHE C 140 -13.38 -36.83 26.81
CA PHE C 140 -13.27 -38.26 26.56
C PHE C 140 -11.85 -38.70 26.89
N ILE C 141 -11.70 -39.95 27.29
CA ILE C 141 -10.38 -40.54 27.48
C ILE C 141 -10.33 -41.88 26.77
N PHE C 142 -9.20 -42.18 26.16
CA PHE C 142 -9.03 -43.37 25.35
C PHE C 142 -7.93 -44.24 25.92
N PRO C 143 -8.15 -45.55 26.06
CA PRO C 143 -7.09 -46.44 26.51
C PRO C 143 -5.99 -46.54 25.46
N PRO C 144 -4.80 -46.99 25.83
CA PRO C 144 -3.77 -47.19 24.81
C PRO C 144 -4.15 -48.33 23.87
N SER C 145 -3.77 -48.17 22.62
CA SER C 145 -4.05 -49.22 21.64
C SER C 145 -3.20 -50.45 21.94
N ASP C 146 -3.66 -51.60 21.43
CA ASP C 146 -2.95 -52.84 21.69
C ASP C 146 -1.66 -52.94 20.90
N SER C 147 -1.47 -52.11 19.87
CA SER C 147 -0.21 -52.08 19.14
C SER C 147 0.81 -51.14 19.75
N GLN C 148 0.39 -50.25 20.66
CA GLN C 148 1.34 -49.46 21.42
C GLN C 148 2.21 -50.34 22.31
N LEU C 149 1.64 -51.38 22.90
CA LEU C 149 2.38 -52.22 23.83
C LEU C 149 3.54 -52.93 23.18
N LYS C 150 3.50 -53.15 21.86
CA LYS C 150 4.65 -53.73 21.17
C LYS C 150 5.84 -52.78 21.18
N SER C 151 5.60 -51.49 20.97
CA SER C 151 6.67 -50.50 20.93
C SER C 151 6.93 -49.86 22.28
N GLY C 152 6.29 -50.32 23.33
CA GLY C 152 6.55 -49.77 24.66
C GLY C 152 5.82 -48.48 25.01
N THR C 153 5.85 -47.50 24.11
CA THR C 153 5.14 -46.26 24.35
C THR C 153 3.64 -46.49 24.21
N ALA C 154 2.89 -46.20 25.28
CA ALA C 154 1.44 -46.42 25.31
C ALA C 154 0.78 -45.07 25.58
N SER C 155 0.52 -44.32 24.51
CA SER C 155 0.03 -42.95 24.63
C SER C 155 -1.48 -42.94 24.79
N VAL C 156 -1.94 -42.30 25.86
CA VAL C 156 -3.36 -42.07 26.08
C VAL C 156 -3.65 -40.60 25.80
N VAL C 157 -4.91 -40.30 25.49
CA VAL C 157 -5.32 -38.95 25.10
C VAL C 157 -6.62 -38.61 25.80
N CYS C 158 -6.65 -37.43 26.42
CA CYS C 158 -7.85 -36.89 27.06
C CYS C 158 -8.39 -35.79 26.14
N LEU C 159 -9.56 -36.00 25.57
CA LEU C 159 -10.09 -35.18 24.49
C LEU C 159 -10.93 -34.03 25.03
N LEU C 160 -10.99 -32.95 24.24
CA LEU C 160 -11.89 -31.83 24.51
C LEU C 160 -12.47 -31.35 23.19
N ASN C 161 -13.79 -31.43 23.05
CA ASN C 161 -14.42 -31.21 21.76
C ASN C 161 -15.64 -30.33 21.93
N ASN C 162 -15.85 -29.41 20.99
CA ASN C 162 -16.98 -28.48 20.98
C ASN C 162 -17.04 -27.62 22.25
N PHE C 163 -16.07 -26.71 22.37
CA PHE C 163 -16.18 -25.67 23.38
C PHE C 163 -15.80 -24.31 22.81
N TYR C 164 -16.18 -23.27 23.56
CA TYR C 164 -15.72 -21.90 23.35
C TYR C 164 -15.82 -21.28 24.74
N PRO C 165 -14.82 -20.49 25.17
CA PRO C 165 -13.61 -20.01 24.51
C PRO C 165 -12.33 -20.78 24.75
N ARG C 166 -11.24 -20.13 24.34
CA ARG C 166 -9.95 -20.80 24.20
C ARG C 166 -9.43 -21.32 25.53
N GLU C 167 -9.56 -20.51 26.58
CA GLU C 167 -8.86 -20.74 27.84
C GLU C 167 -9.37 -22.01 28.49
N ALA C 168 -8.57 -23.06 28.42
CA ALA C 168 -8.85 -24.29 29.16
C ALA C 168 -7.56 -25.06 29.25
N LYS C 169 -7.47 -25.89 30.29
CA LYS C 169 -6.25 -26.64 30.52
C LYS C 169 -6.57 -27.87 31.34
N VAL C 170 -5.69 -28.85 31.27
CA VAL C 170 -5.89 -30.15 31.87
C VAL C 170 -4.71 -30.48 32.77
N GLN C 171 -5.00 -31.00 33.95
CA GLN C 171 -3.99 -31.49 34.87
C GLN C 171 -4.22 -32.99 35.03
N TRP C 172 -3.33 -33.79 34.46
CA TRP C 172 -3.52 -35.22 34.52
C TRP C 172 -3.25 -35.73 35.93
N LYS C 173 -3.79 -36.91 36.23
CA LYS C 173 -3.40 -37.63 37.44
C LYS C 173 -3.37 -39.12 37.14
N VAL C 174 -2.41 -39.81 37.76
CA VAL C 174 -2.41 -41.26 37.80
C VAL C 174 -2.12 -41.70 39.23
N ASP C 175 -3.00 -42.53 39.78
CA ASP C 175 -3.00 -42.87 41.21
C ASP C 175 -3.04 -41.59 42.06
N ASN C 176 -3.75 -40.58 41.57
CA ASN C 176 -3.88 -39.27 42.22
C ASN C 176 -2.51 -38.62 42.45
N ALA C 177 -1.82 -38.33 41.34
CA ALA C 177 -0.51 -37.69 41.40
C ALA C 177 -0.33 -36.84 40.14
N LEU C 178 0.04 -35.58 40.33
CA LEU C 178 0.17 -34.66 39.21
C LEU C 178 1.34 -35.02 38.31
N GLN C 179 1.21 -34.71 37.02
CA GLN C 179 2.25 -34.91 36.03
C GLN C 179 2.54 -33.59 35.34
N SER C 180 3.82 -33.33 35.08
CA SER C 180 4.24 -32.12 34.40
C SER C 180 5.35 -32.45 33.42
N GLY C 181 5.26 -31.89 32.21
CA GLY C 181 6.28 -32.06 31.20
C GLY C 181 6.11 -33.29 30.32
N ASN C 182 5.14 -34.16 30.60
CA ASN C 182 4.90 -35.33 29.78
C ASN C 182 3.58 -35.27 29.03
N SER C 183 3.02 -34.06 28.86
CA SER C 183 1.75 -33.88 28.16
C SER C 183 1.89 -32.71 27.21
N GLN C 184 1.76 -32.97 25.92
CA GLN C 184 1.76 -31.94 24.89
C GLN C 184 0.35 -31.81 24.34
N GLU C 185 -0.07 -30.57 24.10
CA GLU C 185 -1.43 -30.33 23.64
C GLU C 185 -1.43 -29.27 22.54
N SER C 186 -2.38 -29.41 21.63
CA SER C 186 -2.53 -28.51 20.50
C SER C 186 -4.00 -28.21 20.26
N VAL C 187 -4.31 -26.95 20.04
CA VAL C 187 -5.66 -26.49 19.75
C VAL C 187 -5.91 -26.63 18.26
N THR C 188 -7.16 -26.78 17.89
CA THR C 188 -7.53 -26.67 16.48
C THR C 188 -7.84 -25.21 16.17
N GLU C 189 -8.46 -24.95 15.04
CA GLU C 189 -9.03 -23.64 14.77
C GLU C 189 -10.54 -23.70 14.90
N GLN C 190 -11.16 -22.53 14.88
CA GLN C 190 -12.58 -22.45 15.18
C GLN C 190 -13.36 -23.01 14.02
N ASP C 191 -14.15 -24.05 14.29
CA ASP C 191 -14.89 -24.74 13.23
C ASP C 191 -15.81 -23.78 12.52
N SER C 192 -15.99 -23.99 11.22
CA SER C 192 -16.78 -23.05 10.43
C SER C 192 -18.27 -23.15 10.71
N LYS C 193 -18.75 -24.29 11.23
CA LYS C 193 -20.18 -24.46 11.43
C LYS C 193 -20.62 -24.10 12.85
N ASP C 194 -20.15 -24.85 13.84
CA ASP C 194 -20.59 -24.64 15.23
C ASP C 194 -19.77 -23.57 15.93
N SER C 195 -18.67 -23.13 15.32
CA SER C 195 -17.86 -22.02 15.82
C SER C 195 -17.27 -22.30 17.20
N THR C 196 -16.88 -23.55 17.43
CA THR C 196 -16.23 -23.98 18.67
C THR C 196 -14.77 -24.32 18.40
N TYR C 197 -14.00 -24.43 19.47
CA TYR C 197 -12.64 -24.93 19.40
C TYR C 197 -12.64 -26.44 19.62
N SER C 198 -11.46 -27.03 19.80
CA SER C 198 -11.31 -28.40 20.25
C SER C 198 -9.86 -28.60 20.67
N LEU C 199 -9.67 -29.43 21.71
CA LEU C 199 -8.38 -29.56 22.37
C LEU C 199 -8.07 -31.04 22.56
N SER C 200 -6.78 -31.35 22.63
CA SER C 200 -6.34 -32.70 22.94
C SER C 200 -4.98 -32.64 23.58
N SER C 201 -4.81 -33.40 24.67
CA SER C 201 -3.51 -33.54 25.32
C SER C 201 -3.10 -35.00 25.28
N THR C 202 -1.87 -35.24 24.83
CA THR C 202 -1.35 -36.59 24.66
C THR C 202 -0.22 -36.81 25.65
N LEU C 203 -0.29 -37.91 26.39
CA LEU C 203 0.72 -38.28 27.37
C LEU C 203 1.49 -39.49 26.87
N THR C 204 2.81 -39.37 26.84
CA THR C 204 3.68 -40.42 26.32
C THR C 204 4.55 -40.96 27.44
N LEU C 205 4.58 -42.29 27.57
CA LEU C 205 5.45 -42.93 28.55
C LEU C 205 6.14 -44.14 27.94
N SER C 206 6.76 -44.96 28.78
CA SER C 206 7.30 -46.24 28.40
C SER C 206 6.78 -47.30 29.36
N LYS C 207 6.94 -48.57 28.98
CA LYS C 207 6.48 -49.66 29.83
C LYS C 207 7.23 -49.73 31.16
N ALA C 208 8.39 -49.08 31.25
CA ALA C 208 9.07 -48.99 32.54
C ALA C 208 8.28 -48.15 33.53
N ASP C 209 7.58 -47.12 33.05
CA ASP C 209 6.79 -46.25 33.91
C ASP C 209 5.30 -46.57 33.89
N TYR C 210 4.81 -47.22 32.83
CA TYR C 210 3.37 -47.50 32.74
C TYR C 210 2.95 -48.63 33.68
N GLU C 211 3.75 -49.69 33.77
CA GLU C 211 3.27 -50.91 34.42
C GLU C 211 3.20 -50.81 35.94
N LYS C 212 3.78 -49.78 36.55
CA LYS C 212 3.70 -49.62 38.00
C LYS C 212 2.51 -48.76 38.43
N HIS C 213 1.66 -48.34 37.50
CA HIS C 213 0.55 -47.45 37.78
C HIS C 213 -0.74 -48.05 37.25
N LYS C 214 -1.82 -47.92 38.03
CA LYS C 214 -3.10 -48.57 37.72
C LYS C 214 -4.20 -47.58 37.37
N VAL C 215 -4.52 -46.65 38.26
CA VAL C 215 -5.70 -45.81 38.12
C VAL C 215 -5.33 -44.55 37.34
N TYR C 216 -6.02 -44.32 36.23
CA TYR C 216 -5.73 -43.19 35.34
C TYR C 216 -6.93 -42.27 35.27
N ALA C 217 -6.67 -40.96 35.18
CA ALA C 217 -7.74 -39.97 35.17
C ALA C 217 -7.24 -38.66 34.60
N CYS C 218 -8.13 -37.95 33.93
CA CYS C 218 -7.85 -36.62 33.39
CA CYS C 218 -7.83 -36.62 33.41
CA CYS C 218 -7.83 -36.62 33.41
C CYS C 218 -8.88 -35.64 33.93
N GLU C 219 -8.42 -34.48 34.39
CA GLU C 219 -9.29 -33.45 34.95
C GLU C 219 -9.24 -32.21 34.05
N VAL C 220 -10.43 -31.69 33.72
CA VAL C 220 -10.57 -30.54 32.85
C VAL C 220 -11.33 -29.44 33.59
N THR C 221 -10.86 -28.21 33.46
CA THR C 221 -11.55 -27.05 34.01
C THR C 221 -11.64 -25.97 32.95
N HIS C 222 -12.82 -25.36 32.82
CA HIS C 222 -13.08 -24.34 31.81
C HIS C 222 -14.08 -23.37 32.41
N GLN C 223 -14.12 -22.15 31.85
CA GLN C 223 -15.02 -21.11 32.36
C GLN C 223 -16.47 -21.57 32.37
N GLY C 224 -16.95 -22.07 31.24
CA GLY C 224 -18.32 -22.56 31.19
C GLY C 224 -18.53 -23.82 31.99
N LEU C 225 -17.46 -24.56 32.26
CA LEU C 225 -17.55 -25.72 33.12
C LEU C 225 -17.78 -25.26 34.55
N SER C 226 -19.00 -25.46 35.05
CA SER C 226 -19.36 -24.95 36.37
C SER C 226 -18.51 -25.60 37.47
N SER C 227 -18.37 -26.92 37.42
CA SER C 227 -17.56 -27.67 38.36
C SER C 227 -16.65 -28.60 37.57
N PRO C 228 -15.45 -28.90 38.08
CA PRO C 228 -14.56 -29.80 37.36
C PRO C 228 -15.17 -31.18 37.14
N VAL C 229 -15.05 -31.67 35.91
CA VAL C 229 -15.49 -33.00 35.55
C VAL C 229 -14.26 -33.86 35.28
N THR C 230 -14.22 -35.04 35.90
CA THR C 230 -13.03 -35.88 35.90
C THR C 230 -13.49 -37.33 35.96
N LYS C 231 -13.60 -37.98 34.81
CA LYS C 231 -13.87 -39.39 34.77
C LYS C 231 -12.95 -40.05 33.75
N SER C 232 -12.59 -41.30 34.01
CA SER C 232 -11.69 -42.05 33.14
C SER C 232 -11.82 -43.53 33.45
N PHE C 233 -10.90 -44.32 32.93
CA PHE C 233 -10.97 -45.76 32.91
C PHE C 233 -10.03 -46.37 33.94
N ASN C 234 -9.98 -47.70 33.95
CA ASN C 234 -9.07 -48.46 34.78
C ASN C 234 -8.52 -49.62 33.98
N ARG C 235 -7.37 -50.12 34.42
CA ARG C 235 -6.76 -51.28 33.77
C ARG C 235 -7.64 -52.51 33.94
N GLY C 236 -7.65 -53.35 32.90
CA GLY C 236 -8.43 -54.57 32.91
C GLY C 236 -9.70 -54.51 32.10
N GLU C 237 -10.11 -53.33 31.63
CA GLU C 237 -11.33 -53.15 30.83
C GLU C 237 -12.56 -53.70 31.55
N CYS C 238 -12.67 -53.40 32.84
CA CYS C 238 -13.80 -53.85 33.65
C CYS C 238 -14.89 -52.79 33.69
#